data_2UX0
#
_entry.id   2UX0
#
_cell.length_a   122.954
_cell.length_b   158.363
_cell.length_c   103.941
_cell.angle_alpha   90.00
_cell.angle_beta   90.00
_cell.angle_gamma   90.00
#
_symmetry.space_group_name_H-M   'C 2 2 21'
#
loop_
_entity.id
_entity.type
_entity.pdbx_description
1 polymer 'CALCIUM-CALMODULIN DEPENDENT PROTEIN KINASE (CAM KINASE) II GAMMA'
2 non-polymer GLYCINE
3 water water
#
_entity_poly.entity_id   1
_entity_poly.type   'polypeptide(L)'
_entity_poly.pdbx_seq_one_letter_code
;SMTEDEDLKVRKQEIIKITEQLIEAINNGDFEAYTKICDPGLTSFEPEALGNLVEGMDFHKFYFENLLSKNSKPIHTTIL
NPHVHVIGEDAACIAYIRLTQYIDGQGRPRTSQSEETRVWHRRDGKWLNVHYHCSGAPAAPRQ
;
_entity_poly.pdbx_strand_id   A,B,C,D,E,F
#
# COMPACT_ATOMS: atom_id res chain seq x y z
N SER A 1 -44.48 -7.44 48.47
CA SER A 1 -43.35 -6.68 47.88
C SER A 1 -43.39 -6.78 46.35
N MET A 2 -42.33 -6.31 45.71
CA MET A 2 -42.17 -6.35 44.26
C MET A 2 -42.18 -7.79 43.71
N THR A 3 -42.58 -7.96 42.45
CA THR A 3 -42.58 -9.27 41.77
C THR A 3 -41.16 -9.75 41.50
N GLU A 4 -40.86 -11.02 41.83
CA GLU A 4 -39.53 -11.64 41.61
C GLU A 4 -38.95 -11.25 40.24
N ASP A 5 -39.87 -11.13 39.28
CA ASP A 5 -39.55 -10.72 37.92
C ASP A 5 -39.18 -9.24 37.79
N GLU A 6 -39.94 -8.38 38.45
CA GLU A 6 -39.66 -6.96 38.42
C GLU A 6 -38.37 -6.63 39.17
N ASP A 7 -38.13 -7.35 40.27
CA ASP A 7 -36.86 -7.31 40.99
C ASP A 7 -35.67 -7.62 40.07
N LEU A 8 -35.79 -8.69 39.31
CA LEU A 8 -34.73 -9.12 38.40
C LEU A 8 -34.49 -8.05 37.33
N LYS A 9 -35.57 -7.52 36.75
CA LYS A 9 -35.51 -6.41 35.78
C LYS A 9 -34.69 -5.21 36.30
N VAL A 10 -35.00 -4.80 37.54
CA VAL A 10 -34.32 -3.72 38.23
C VAL A 10 -32.81 -3.93 38.30
N ARG A 11 -32.41 -5.10 38.81
CA ARG A 11 -31.00 -5.43 38.95
C ARG A 11 -30.30 -5.40 37.63
N LYS A 12 -30.91 -6.03 36.63
CA LYS A 12 -30.36 -6.04 35.30
C LYS A 12 -30.15 -4.60 34.80
N GLN A 13 -31.13 -3.71 35.02
CA GLN A 13 -30.99 -2.33 34.60
C GLN A 13 -29.86 -1.64 35.35
N GLU A 14 -29.70 -2.01 36.60
CA GLU A 14 -28.62 -1.47 37.41
C GLU A 14 -27.24 -1.71 36.76
N ILE A 15 -27.06 -2.91 36.24
CA ILE A 15 -25.80 -3.30 35.60
C ILE A 15 -25.61 -2.64 34.23
N ILE A 16 -26.70 -2.39 33.52
CA ILE A 16 -26.64 -1.67 32.25
C ILE A 16 -26.23 -0.23 32.50
N LYS A 17 -26.88 0.41 33.47
CA LYS A 17 -26.57 1.80 33.77
C LYS A 17 -25.09 1.97 34.08
N ILE A 18 -24.54 1.10 34.94
CA ILE A 18 -23.15 1.25 35.38
C ILE A 18 -22.18 0.92 34.22
N THR A 19 -22.52 -0.08 33.41
CA THR A 19 -21.71 -0.37 32.25
C THR A 19 -21.69 0.84 31.31
N GLU A 20 -22.85 1.44 31.08
CA GLU A 20 -22.92 2.62 30.24
C GLU A 20 -22.07 3.80 30.80
N GLN A 21 -22.08 3.96 32.12
CA GLN A 21 -21.30 5.03 32.76
C GLN A 21 -19.82 4.79 32.60
N LEU A 22 -19.40 3.53 32.70
CA LEU A 22 -18.00 3.13 32.48
C LEU A 22 -17.57 3.52 31.07
N ILE A 23 -18.42 3.22 30.08
CA ILE A 23 -18.15 3.53 28.68
C ILE A 23 -18.06 5.05 28.45
N GLU A 24 -18.92 5.81 29.10
CA GLU A 24 -18.81 7.28 29.03
C GLU A 24 -17.50 7.82 29.58
N ALA A 25 -17.06 7.26 30.70
CA ALA A 25 -15.81 7.66 31.33
C ALA A 25 -14.61 7.37 30.43
N ILE A 26 -14.66 6.21 29.76
CA ILE A 26 -13.64 5.83 28.78
C ILE A 26 -13.62 6.79 27.59
N ASN A 27 -14.79 7.06 27.01
CA ASN A 27 -14.90 7.96 25.87
C ASN A 27 -14.44 9.39 26.18
N ASN A 28 -14.79 9.87 27.37
CA ASN A 28 -14.40 11.21 27.81
C ASN A 28 -12.95 11.28 28.30
N GLY A 29 -12.31 10.12 28.50
CA GLY A 29 -10.95 10.08 29.01
C GLY A 29 -10.84 10.48 30.48
N ASP A 30 -11.88 10.15 31.24
CA ASP A 30 -11.95 10.44 32.67
C ASP A 30 -11.40 9.25 33.46
N PHE A 31 -10.12 9.32 33.80
CA PHE A 31 -9.43 8.21 34.46
C PHE A 31 -9.85 8.05 35.91
N GLU A 32 -10.21 9.16 36.52
CA GLU A 32 -10.60 9.17 37.92
C GLU A 32 -11.95 8.48 38.07
N ALA A 33 -12.84 8.76 37.12
CA ALA A 33 -14.14 8.08 37.03
C ALA A 33 -13.91 6.59 36.76
N TYR A 34 -13.01 6.33 35.81
CA TYR A 34 -12.65 4.98 35.43
C TYR A 34 -12.16 4.17 36.64
N THR A 35 -11.20 4.71 37.39
CA THR A 35 -10.60 4.01 38.54
C THR A 35 -11.62 3.81 39.66
N LYS A 36 -12.58 4.72 39.77
CA LYS A 36 -13.65 4.61 40.76
C LYS A 36 -14.61 3.43 40.44
N ILE A 37 -14.82 3.15 39.16
CA ILE A 37 -15.75 2.11 38.71
C ILE A 37 -15.07 0.73 38.56
N CYS A 38 -13.75 0.73 38.41
CA CYS A 38 -12.99 -0.52 38.23
C CYS A 38 -12.36 -0.98 39.52
N ASP A 39 -12.42 -2.28 39.74
CA ASP A 39 -11.71 -2.89 40.84
C ASP A 39 -10.20 -2.71 40.57
N PRO A 40 -9.43 -2.39 41.60
CA PRO A 40 -7.99 -2.29 41.39
C PRO A 40 -7.33 -3.57 40.86
N GLY A 41 -7.95 -4.72 41.12
CA GLY A 41 -7.45 -5.99 40.59
C GLY A 41 -8.07 -6.43 39.27
N LEU A 42 -8.68 -5.47 38.55
CA LEU A 42 -9.29 -5.76 37.24
C LEU A 42 -8.29 -6.46 36.33
N THR A 43 -8.73 -7.56 35.74
CA THR A 43 -7.98 -8.29 34.71
C THR A 43 -8.67 -8.11 33.36
N SER A 44 -7.90 -8.18 32.30
CA SER A 44 -8.47 -7.92 31.01
C SER A 44 -7.88 -8.81 29.93
N PHE A 45 -8.76 -9.42 29.12
CA PHE A 45 -8.41 -9.90 27.76
C PHE A 45 -8.91 -8.88 26.74
N GLU A 46 -8.00 -8.40 25.87
CA GLU A 46 -8.38 -7.43 24.86
C GLU A 46 -7.38 -7.37 23.71
N PRO A 47 -7.84 -6.99 22.51
CA PRO A 47 -6.97 -6.99 21.33
C PRO A 47 -5.57 -6.34 21.53
N GLU A 48 -5.52 -5.25 22.27
CA GLU A 48 -4.26 -4.52 22.44
C GLU A 48 -3.29 -5.25 23.37
N ALA A 49 -3.79 -6.22 24.13
CA ALA A 49 -2.98 -7.04 25.02
C ALA A 49 -2.43 -8.28 24.30
N LEU A 50 -2.75 -8.45 23.02
CA LEU A 50 -2.10 -9.46 22.18
C LEU A 50 -2.20 -10.89 22.72
N GLY A 51 -3.37 -11.26 23.22
CA GLY A 51 -3.62 -12.64 23.65
C GLY A 51 -3.23 -12.93 25.09
N ASN A 52 -2.71 -11.91 25.78
CA ASN A 52 -2.34 -12.00 27.18
C ASN A 52 -3.41 -11.43 28.09
N LEU A 53 -3.43 -11.92 29.33
CA LEU A 53 -4.25 -11.36 30.37
C LEU A 53 -3.42 -10.29 31.09
N VAL A 54 -3.93 -9.09 31.18
CA VAL A 54 -3.21 -7.98 31.79
C VAL A 54 -3.93 -7.48 33.04
N GLU A 55 -3.19 -6.91 33.99
CA GLU A 55 -3.84 -6.15 35.05
C GLU A 55 -4.27 -4.82 34.43
N GLY A 56 -5.57 -4.70 34.19
CA GLY A 56 -6.15 -3.60 33.42
C GLY A 56 -5.88 -2.17 33.88
N MET A 57 -5.62 -1.94 35.18
CA MET A 57 -5.42 -0.57 35.66
C MET A 57 -4.09 0.06 35.22
N ASP A 58 -3.02 -0.74 35.21
CA ASP A 58 -1.72 -0.27 34.72
C ASP A 58 -1.71 -0.17 33.18
N PHE A 59 -2.27 -1.20 32.54
CA PHE A 59 -2.25 -1.32 31.08
C PHE A 59 -3.11 -0.24 30.38
N HIS A 60 -4.20 0.16 31.03
CA HIS A 60 -5.08 1.16 30.47
C HIS A 60 -4.60 2.59 30.69
N LYS A 61 -3.73 2.82 31.66
CA LYS A 61 -3.22 4.17 31.92
C LYS A 61 -2.76 4.80 30.59
N PHE A 62 -2.11 4.00 29.76
CA PHE A 62 -1.43 4.51 28.57
C PHE A 62 -2.41 5.13 27.61
N TYR A 63 -3.59 4.57 27.52
CA TYR A 63 -4.60 5.04 26.56
C TYR A 63 -5.29 6.31 27.05
N PHE A 64 -5.32 6.50 28.37
CA PHE A 64 -5.85 7.73 28.94
C PHE A 64 -4.82 8.85 28.81
N GLU A 65 -3.57 8.58 29.16
CA GLU A 65 -2.51 9.57 29.06
C GLU A 65 -2.29 10.04 27.63
N ASN A 66 -2.45 9.16 26.66
CA ASN A 66 -1.96 9.43 25.30
C ASN A 66 -3.01 9.41 24.19
N LEU A 67 -4.29 9.38 24.53
CA LEU A 67 -5.29 9.25 23.48
C LEU A 67 -6.67 9.79 23.90
N LEU A 68 -7.31 9.09 24.85
CA LEU A 68 -8.74 9.27 25.16
C LEU A 68 -9.03 10.63 25.81
N SER A 69 -8.18 11.00 26.77
CA SER A 69 -8.23 12.36 27.32
C SER A 69 -8.14 13.41 26.17
N LYS A 70 -6.98 13.42 25.49
CA LYS A 70 -6.59 14.47 24.53
C LYS A 70 -7.46 14.58 23.24
N ASN A 71 -8.50 13.74 23.11
CA ASN A 71 -9.35 13.70 21.88
C ASN A 71 -10.56 14.68 21.83
N SER A 72 -10.61 15.44 20.74
CA SER A 72 -11.71 16.36 20.42
C SER A 72 -12.73 15.69 19.45
N LYS A 73 -12.29 14.59 18.79
CA LYS A 73 -12.98 13.97 17.63
C LYS A 73 -14.26 13.26 18.03
N PRO A 74 -15.35 13.43 17.26
CA PRO A 74 -16.62 12.82 17.67
C PRO A 74 -16.60 11.30 17.57
N ILE A 75 -17.32 10.66 18.48
CA ILE A 75 -17.52 9.22 18.45
C ILE A 75 -18.86 8.88 19.07
N HIS A 76 -19.64 8.08 18.33
CA HIS A 76 -20.92 7.59 18.80
C HIS A 76 -20.83 6.10 19.09
N THR A 77 -21.10 5.72 20.33
CA THR A 77 -21.15 4.34 20.75
C THR A 77 -22.60 3.82 20.74
N THR A 78 -22.77 2.62 20.22
CA THR A 78 -24.05 1.94 20.24
C THR A 78 -23.85 0.60 20.94
N ILE A 79 -24.69 0.33 21.95
CA ILE A 79 -24.63 -0.95 22.63
C ILE A 79 -25.78 -1.79 22.14
N LEU A 80 -25.50 -2.93 21.54
CA LEU A 80 -26.53 -3.75 20.91
C LEU A 80 -26.77 -5.01 21.70
N ASN A 81 -28.03 -5.32 21.91
CA ASN A 81 -28.46 -6.61 22.42
C ASN A 81 -27.75 -7.05 23.69
N PRO A 82 -27.74 -6.17 24.71
CA PRO A 82 -27.04 -6.55 25.92
C PRO A 82 -27.78 -7.67 26.61
N HIS A 83 -27.04 -8.48 27.36
CA HIS A 83 -27.60 -9.58 28.11
C HIS A 83 -26.92 -9.53 29.47
N VAL A 84 -27.73 -9.56 30.53
CA VAL A 84 -27.23 -9.58 31.91
C VAL A 84 -27.62 -10.86 32.65
N HIS A 85 -26.60 -11.47 33.26
CA HIS A 85 -26.80 -12.59 34.16
C HIS A 85 -26.62 -12.07 35.58
N VAL A 86 -27.68 -12.16 36.39
CA VAL A 86 -27.60 -11.82 37.80
C VAL A 86 -27.18 -13.05 38.58
N ILE A 87 -26.01 -13.00 39.22
CA ILE A 87 -25.40 -14.17 39.83
C ILE A 87 -25.39 -14.02 41.36
N GLY A 88 -26.55 -13.70 41.93
CA GLY A 88 -26.65 -13.45 43.35
C GLY A 88 -26.68 -11.97 43.67
N GLU A 89 -26.92 -11.67 44.94
CA GLU A 89 -27.15 -10.29 45.40
C GLU A 89 -26.02 -9.33 44.96
N ASP A 90 -24.77 -9.80 44.92
CA ASP A 90 -23.62 -8.91 44.79
C ASP A 90 -22.75 -9.18 43.55
N ALA A 91 -23.23 -10.04 42.65
CA ALA A 91 -22.47 -10.43 41.48
C ALA A 91 -23.34 -10.33 40.23
N ALA A 92 -22.74 -9.89 39.14
CA ALA A 92 -23.45 -9.86 37.87
C ALA A 92 -22.46 -9.93 36.73
N CYS A 93 -23.01 -10.02 35.54
CA CYS A 93 -22.18 -10.18 34.37
C CYS A 93 -22.95 -9.71 33.18
N ILE A 94 -22.32 -8.89 32.34
CA ILE A 94 -22.96 -8.34 31.16
C ILE A 94 -22.18 -8.70 29.90
N ALA A 95 -22.90 -9.13 28.87
CA ALA A 95 -22.35 -9.38 27.54
C ALA A 95 -23.10 -8.48 26.56
N TYR A 96 -22.35 -7.77 25.70
CA TYR A 96 -22.93 -6.81 24.76
C TYR A 96 -22.04 -6.62 23.53
N ILE A 97 -22.66 -6.20 22.42
CA ILE A 97 -21.95 -5.79 21.20
C ILE A 97 -21.83 -4.27 21.21
N ARG A 98 -20.63 -3.78 20.94
CA ARG A 98 -20.36 -2.35 20.90
C ARG A 98 -19.99 -1.94 19.49
N LEU A 99 -20.84 -1.12 18.90
CA LEU A 99 -20.54 -0.49 17.64
C LEU A 99 -20.08 0.91 17.95
N THR A 100 -18.94 1.31 17.39
CA THR A 100 -18.38 2.65 17.55
C THR A 100 -18.24 3.33 16.21
N GLN A 101 -18.99 4.40 16.03
CA GLN A 101 -18.80 5.23 14.88
C GLN A 101 -17.76 6.28 15.27
N TYR A 102 -16.84 6.57 14.35
CA TYR A 102 -15.72 7.45 14.64
C TYR A 102 -15.18 8.00 13.33
N ILE A 103 -14.25 8.96 13.44
CA ILE A 103 -13.64 9.57 12.26
C ILE A 103 -12.16 9.21 12.19
N ASP A 104 -11.69 8.85 11.00
CA ASP A 104 -10.33 8.30 10.85
C ASP A 104 -9.31 9.34 10.41
N GLY A 105 -8.05 8.90 10.37
CA GLY A 105 -6.91 9.74 10.01
C GLY A 105 -7.08 10.39 8.66
N GLN A 106 -7.35 9.59 7.63
CA GLN A 106 -7.59 10.15 6.29
C GLN A 106 -8.96 10.87 6.18
N GLY A 107 -9.52 11.29 7.33
CA GLY A 107 -10.72 12.16 7.39
C GLY A 107 -12.04 11.41 7.57
N ARG A 108 -12.16 10.27 6.88
CA ARG A 108 -13.42 9.53 6.67
C ARG A 108 -14.01 8.93 7.97
N PRO A 109 -15.35 8.72 7.98
CA PRO A 109 -15.98 8.12 9.14
C PRO A 109 -16.07 6.61 8.96
N ARG A 110 -15.92 5.88 10.07
CA ARG A 110 -15.85 4.41 10.04
C ARG A 110 -16.60 3.84 11.23
N THR A 111 -16.84 2.53 11.19
CA THR A 111 -17.47 1.82 12.28
C THR A 111 -16.57 0.68 12.71
N SER A 112 -16.55 0.36 13.99
CA SER A 112 -15.89 -0.86 14.43
C SER A 112 -16.82 -1.59 15.37
N GLN A 113 -16.80 -2.92 15.29
CA GLN A 113 -17.59 -3.77 16.18
C GLN A 113 -16.68 -4.45 17.11
N SER A 114 -17.09 -4.57 18.35
CA SER A 114 -16.38 -5.44 19.26
C SER A 114 -17.41 -6.09 20.19
N GLU A 115 -17.09 -7.31 20.65
CA GLU A 115 -17.97 -8.09 21.52
C GLU A 115 -17.35 -8.08 22.90
N GLU A 116 -18.12 -7.69 23.91
CA GLU A 116 -17.56 -7.38 25.21
C GLU A 116 -18.27 -8.01 26.37
N THR A 117 -17.48 -8.54 27.29
CA THR A 117 -17.97 -9.11 28.55
C THR A 117 -17.37 -8.29 29.67
N ARG A 118 -18.23 -7.89 30.62
CA ARG A 118 -17.77 -7.28 31.87
C ARG A 118 -18.38 -8.03 33.04
N VAL A 119 -17.54 -8.41 34.00
CA VAL A 119 -17.98 -9.07 35.21
C VAL A 119 -17.95 -8.07 36.35
N TRP A 120 -19.02 -8.06 37.15
CA TRP A 120 -19.24 -7.01 38.16
C TRP A 120 -19.40 -7.58 39.56
N HIS A 121 -18.84 -6.86 40.54
CA HIS A 121 -18.86 -7.26 41.94
C HIS A 121 -19.20 -6.05 42.77
N ARG A 122 -20.27 -6.11 43.56
CA ARG A 122 -20.63 -5.01 44.45
C ARG A 122 -19.91 -5.20 45.77
N ARG A 123 -19.06 -4.23 46.12
CA ARG A 123 -18.37 -4.22 47.42
C ARG A 123 -18.64 -2.89 48.11
N ASP A 124 -19.11 -2.94 49.35
CA ASP A 124 -19.45 -1.74 50.09
C ASP A 124 -20.42 -0.85 49.30
N GLY A 125 -21.48 -1.46 48.78
CA GLY A 125 -22.54 -0.70 48.10
C GLY A 125 -22.22 -0.16 46.72
N LYS A 126 -20.98 -0.34 46.25
CA LYS A 126 -20.57 0.17 44.95
C LYS A 126 -20.20 -0.96 43.96
N TRP A 127 -20.80 -0.96 42.76
CA TRP A 127 -20.47 -1.94 41.72
C TRP A 127 -19.12 -1.66 41.11
N LEU A 128 -18.26 -2.67 41.08
CA LEU A 128 -16.91 -2.55 40.51
C LEU A 128 -16.66 -3.63 39.47
N ASN A 129 -16.02 -3.24 38.37
CA ASN A 129 -15.70 -4.15 37.27
C ASN A 129 -14.42 -4.93 37.61
N VAL A 130 -14.53 -6.26 37.73
CA VAL A 130 -13.39 -7.09 38.08
C VAL A 130 -12.72 -7.78 36.91
N HIS A 131 -13.48 -8.00 35.83
CA HIS A 131 -12.92 -8.65 34.64
C HIS A 131 -13.57 -8.10 33.39
N TYR A 132 -12.78 -8.09 32.31
CA TYR A 132 -13.20 -7.55 31.05
C TYR A 132 -12.60 -8.38 29.94
N HIS A 133 -13.46 -8.81 29.01
CA HIS A 133 -13.04 -9.55 27.84
C HIS A 133 -13.56 -8.83 26.62
N CYS A 134 -12.68 -8.49 25.71
CA CYS A 134 -13.06 -7.78 24.51
C CYS A 134 -12.53 -8.52 23.31
N SER A 135 -13.38 -8.79 22.33
CA SER A 135 -12.91 -9.38 21.08
C SER A 135 -13.34 -8.51 19.94
N GLY A 136 -12.50 -8.40 18.91
CA GLY A 136 -12.82 -7.64 17.71
C GLY A 136 -11.59 -7.44 16.84
N ALA A 137 -11.76 -7.38 15.52
CA ALA A 137 -10.63 -7.08 14.61
C ALA A 137 -9.48 -8.11 14.74
N SER B 1 -58.50 -5.38 -13.87
CA SER B 1 -59.35 -4.51 -14.74
C SER B 1 -58.52 -3.32 -15.21
N MET B 2 -59.04 -2.55 -16.18
CA MET B 2 -58.24 -1.49 -16.83
C MET B 2 -57.91 -0.34 -15.88
N THR B 3 -58.92 0.11 -15.13
CA THR B 3 -58.75 1.21 -14.19
C THR B 3 -58.20 0.77 -12.82
N GLU B 4 -57.93 -0.53 -12.66
CA GLU B 4 -57.07 -1.04 -11.58
C GLU B 4 -55.57 -1.13 -11.98
N ASP B 5 -55.28 -1.26 -13.29
CA ASP B 5 -53.91 -1.26 -13.77
C ASP B 5 -53.32 0.15 -13.70
N GLU B 6 -54.11 1.15 -14.10
CA GLU B 6 -53.67 2.55 -14.01
C GLU B 6 -53.53 2.99 -12.55
N ASP B 7 -54.45 2.52 -11.72
CA ASP B 7 -54.38 2.73 -10.26
C ASP B 7 -53.07 2.17 -9.68
N LEU B 8 -52.71 0.97 -10.13
CA LEU B 8 -51.49 0.34 -9.65
C LEU B 8 -50.25 1.14 -10.08
N LYS B 9 -50.22 1.55 -11.34
CA LYS B 9 -49.15 2.42 -11.87
C LYS B 9 -48.94 3.63 -10.98
N VAL B 10 -50.03 4.35 -10.69
CA VAL B 10 -49.96 5.58 -9.90
C VAL B 10 -49.33 5.34 -8.53
N ARG B 11 -49.80 4.31 -7.83
CA ARG B 11 -49.28 4.00 -6.51
C ARG B 11 -47.78 3.69 -6.60
N LYS B 12 -47.41 2.87 -7.58
CA LYS B 12 -46.00 2.54 -7.79
C LYS B 12 -45.17 3.80 -8.01
N GLN B 13 -45.70 4.74 -8.79
CA GLN B 13 -45.03 6.00 -9.02
C GLN B 13 -44.92 6.82 -7.73
N GLU B 14 -45.97 6.76 -6.90
CA GLU B 14 -46.00 7.46 -5.63
C GLU B 14 -44.81 7.03 -4.79
N ILE B 15 -44.53 5.73 -4.79
CA ILE B 15 -43.45 5.16 -3.98
C ILE B 15 -42.07 5.50 -4.55
N ILE B 16 -41.96 5.59 -5.87
CA ILE B 16 -40.69 6.02 -6.46
C ILE B 16 -40.43 7.48 -6.12
N LYS B 17 -41.44 8.35 -6.28
CA LYS B 17 -41.21 9.76 -6.00
C LYS B 17 -40.70 9.91 -4.56
N ILE B 18 -41.35 9.26 -3.58
CA ILE B 18 -40.96 9.46 -2.17
C ILE B 18 -39.57 8.88 -1.89
N THR B 19 -39.27 7.71 -2.48
CA THR B 19 -37.92 7.14 -2.36
C THR B 19 -36.88 8.11 -2.92
N GLU B 20 -37.17 8.71 -4.07
CA GLU B 20 -36.26 9.69 -4.67
C GLU B 20 -36.07 10.94 -3.79
N GLN B 21 -37.14 11.37 -3.16
CA GLN B 21 -37.06 12.52 -2.26
C GLN B 21 -36.23 12.19 -1.02
N LEU B 22 -36.36 10.98 -0.51
CA LEU B 22 -35.54 10.54 0.62
C LEU B 22 -34.06 10.59 0.27
N ILE B 23 -33.72 10.15 -0.93
CA ILE B 23 -32.32 10.11 -1.38
C ILE B 23 -31.79 11.54 -1.57
N GLU B 24 -32.63 12.44 -2.05
CA GLU B 24 -32.25 13.83 -2.18
C GLU B 24 -31.92 14.41 -0.81
N ALA B 25 -32.76 14.11 0.19
CA ALA B 25 -32.54 14.58 1.57
C ALA B 25 -31.21 14.06 2.13
N ILE B 26 -30.91 12.80 1.85
CA ILE B 26 -29.64 12.21 2.27
C ILE B 26 -28.45 12.90 1.59
N ASN B 27 -28.52 13.08 0.28
CA ASN B 27 -27.43 13.71 -0.46
C ASN B 27 -27.19 15.17 -0.05
N ASN B 28 -28.27 15.92 0.23
CA ASN B 28 -28.16 17.31 0.70
C ASN B 28 -27.75 17.43 2.17
N GLY B 29 -27.84 16.34 2.92
CA GLY B 29 -27.59 16.36 4.36
C GLY B 29 -28.70 17.02 5.17
N ASP B 30 -29.94 16.93 4.69
CA ASP B 30 -31.10 17.53 5.34
C ASP B 30 -31.72 16.52 6.30
N PHE B 31 -31.35 16.60 7.58
CA PHE B 31 -31.77 15.61 8.57
C PHE B 31 -33.24 15.81 8.96
N GLU B 32 -33.70 17.06 8.89
CA GLU B 32 -35.09 17.39 9.24
C GLU B 32 -36.02 16.75 8.22
N ALA B 33 -35.65 16.90 6.93
CA ALA B 33 -36.37 16.22 5.86
C ALA B 33 -36.31 14.71 6.06
N TYR B 34 -35.11 14.24 6.39
CA TYR B 34 -34.89 12.82 6.61
C TYR B 34 -35.82 12.29 7.68
N THR B 35 -35.84 12.94 8.85
CA THR B 35 -36.65 12.41 9.98
C THR B 35 -38.17 12.53 9.70
N LYS B 36 -38.55 13.45 8.82
CA LYS B 36 -39.96 13.62 8.44
C LYS B 36 -40.43 12.46 7.56
N ILE B 37 -39.50 11.91 6.76
CA ILE B 37 -39.79 10.83 5.81
C ILE B 37 -39.60 9.43 6.42
N CYS B 38 -38.80 9.33 7.48
CA CYS B 38 -38.53 8.03 8.11
C CYS B 38 -39.35 7.84 9.36
N ASP B 39 -39.82 6.61 9.56
CA ASP B 39 -40.50 6.24 10.78
C ASP B 39 -39.49 6.29 11.91
N PRO B 40 -39.87 6.82 13.08
CA PRO B 40 -38.94 6.84 14.21
C PRO B 40 -38.43 5.46 14.59
N GLY B 41 -39.19 4.41 14.28
CA GLY B 41 -38.76 3.04 14.55
C GLY B 41 -38.01 2.38 13.41
N LEU B 42 -37.55 3.18 12.43
CA LEU B 42 -36.82 2.63 11.28
C LEU B 42 -35.72 1.72 11.75
N THR B 43 -35.67 0.52 11.17
CA THR B 43 -34.56 -0.41 11.35
C THR B 43 -33.75 -0.45 10.06
N SER B 44 -32.48 -0.82 10.17
CA SER B 44 -31.64 -0.84 9.00
C SER B 44 -30.56 -1.90 9.06
N PHE B 45 -30.44 -2.65 7.95
CA PHE B 45 -29.26 -3.45 7.64
C PHE B 45 -28.48 -2.66 6.61
N GLU B 46 -27.20 -2.40 6.89
CA GLU B 46 -26.35 -1.68 5.95
C GLU B 46 -24.85 -1.91 6.23
N PRO B 47 -24.00 -1.72 5.21
CA PRO B 47 -22.59 -2.05 5.34
C PRO B 47 -21.87 -1.41 6.51
N GLU B 48 -22.27 -0.20 6.88
CA GLU B 48 -21.66 0.52 7.99
C GLU B 48 -22.10 0.02 9.35
N ALA B 49 -23.15 -0.80 9.38
CA ALA B 49 -23.61 -1.41 10.63
C ALA B 49 -23.00 -2.82 10.85
N LEU B 50 -22.13 -3.25 9.94
CA LEU B 50 -21.30 -4.47 10.19
C LEU B 50 -22.10 -5.76 10.49
N GLY B 51 -23.17 -5.96 9.74
CA GLY B 51 -23.97 -7.17 9.87
C GLY B 51 -25.02 -7.15 10.97
N ASN B 52 -25.11 -6.03 11.67
CA ASN B 52 -26.08 -5.85 12.72
C ASN B 52 -27.29 -5.06 12.18
N LEU B 53 -28.44 -5.26 12.83
CA LEU B 53 -29.64 -4.44 12.61
C LEU B 53 -29.60 -3.27 13.61
N VAL B 54 -29.68 -2.06 13.10
CA VAL B 54 -29.60 -0.87 13.93
C VAL B 54 -30.90 -0.08 13.86
N GLU B 55 -31.23 0.63 14.94
CA GLU B 55 -32.31 1.64 14.87
C GLU B 55 -31.73 2.80 14.06
N GLY B 56 -32.19 2.90 12.81
CA GLY B 56 -31.66 3.84 11.80
C GLY B 56 -31.57 5.31 12.17
N MET B 57 -32.44 5.80 13.06
CA MET B 57 -32.46 7.25 13.32
C MET B 57 -31.30 7.70 14.21
N ASP B 58 -30.93 6.89 15.19
CA ASP B 58 -29.77 7.20 16.03
C ASP B 58 -28.46 6.96 15.26
N PHE B 59 -28.42 5.85 14.52
CA PHE B 59 -27.20 5.45 13.84
C PHE B 59 -26.85 6.37 12.66
N HIS B 60 -27.86 6.95 12.03
CA HIS B 60 -27.63 7.80 10.88
C HIS B 60 -27.29 9.24 11.26
N LYS B 61 -27.62 9.63 12.48
CA LYS B 61 -27.28 10.97 12.97
C LYS B 61 -25.81 11.30 12.67
N PHE B 62 -24.94 10.31 12.86
CA PHE B 62 -23.49 10.52 12.77
C PHE B 62 -23.06 10.97 11.39
N TYR B 63 -23.69 10.41 10.37
CA TYR B 63 -23.34 10.70 8.99
C TYR B 63 -23.86 12.08 8.57
N PHE B 64 -24.93 12.55 9.19
CA PHE B 64 -25.43 13.88 8.91
C PHE B 64 -24.59 14.92 9.61
N GLU B 65 -24.29 14.70 10.88
CA GLU B 65 -23.45 15.61 11.65
C GLU B 65 -22.04 15.77 11.08
N ASN B 66 -21.48 14.70 10.53
CA ASN B 66 -20.05 14.64 10.26
C ASN B 66 -19.67 14.45 8.79
N LEU B 67 -20.62 14.51 7.87
CA LEU B 67 -20.28 14.22 6.49
C LEU B 67 -21.22 14.84 5.44
N LEU B 68 -22.47 14.38 5.42
CA LEU B 68 -23.42 14.68 4.34
C LEU B 68 -23.76 16.17 4.29
N SER B 69 -23.88 16.76 5.49
CA SER B 69 -24.03 18.20 5.63
C SER B 69 -22.87 18.98 4.98
N LYS B 70 -21.71 19.01 5.66
CA LYS B 70 -20.57 19.88 5.30
C LYS B 70 -19.95 19.59 3.92
N ASN B 71 -20.49 18.59 3.21
CA ASN B 71 -20.16 18.31 1.81
C ASN B 71 -20.70 19.36 0.83
N SER B 72 -19.81 19.82 -0.05
CA SER B 72 -20.18 20.48 -1.31
C SER B 72 -19.61 19.78 -2.57
N LYS B 73 -18.94 18.62 -2.38
CA LYS B 73 -18.36 17.83 -3.50
C LYS B 73 -19.51 17.20 -4.29
N PRO B 74 -19.42 17.25 -5.63
CA PRO B 74 -20.54 16.79 -6.43
C PRO B 74 -20.76 15.28 -6.33
N ILE B 75 -22.01 14.88 -6.45
CA ILE B 75 -22.38 13.47 -6.50
C ILE B 75 -23.67 13.28 -7.33
N HIS B 76 -23.63 12.37 -8.32
CA HIS B 76 -24.79 12.05 -9.16
C HIS B 76 -25.26 10.64 -8.84
N THR B 77 -26.49 10.54 -8.35
CA THR B 77 -27.11 9.26 -8.03
C THR B 77 -27.99 8.80 -9.19
N THR B 78 -27.87 7.53 -9.58
CA THR B 78 -28.69 6.94 -10.62
C THR B 78 -29.43 5.77 -9.97
N ILE B 79 -30.74 5.70 -10.17
CA ILE B 79 -31.52 4.58 -9.65
C ILE B 79 -31.89 3.69 -10.82
N LEU B 80 -31.43 2.45 -10.79
CA LEU B 80 -31.61 1.57 -11.93
C LEU B 80 -32.68 0.52 -11.62
N ASN B 81 -33.56 0.28 -12.59
CA ASN B 81 -34.45 -0.87 -12.60
C ASN B 81 -35.23 -1.04 -11.32
N PRO B 82 -35.89 0.03 -10.87
CA PRO B 82 -36.66 -0.07 -9.64
C PRO B 82 -37.80 -1.02 -9.83
N HIS B 83 -38.20 -1.68 -8.75
CA HIS B 83 -39.35 -2.56 -8.73
C HIS B 83 -40.14 -2.29 -7.45
N VAL B 84 -41.43 -2.05 -7.61
CA VAL B 84 -42.30 -1.75 -6.50
C VAL B 84 -43.39 -2.83 -6.35
N HIS B 85 -43.53 -3.30 -5.11
CA HIS B 85 -44.60 -4.20 -4.71
C HIS B 85 -45.58 -3.39 -3.89
N VAL B 86 -46.82 -3.27 -4.39
CA VAL B 86 -47.88 -2.64 -3.64
C VAL B 86 -48.52 -3.72 -2.78
N ILE B 87 -48.48 -3.55 -1.46
CA ILE B 87 -48.95 -4.57 -0.51
C ILE B 87 -50.19 -4.06 0.25
N GLY B 88 -51.20 -3.65 -0.48
CA GLY B 88 -52.41 -3.09 0.12
C GLY B 88 -52.37 -1.58 0.13
N GLU B 89 -53.46 -1.00 0.59
CA GLU B 89 -53.66 0.45 0.53
C GLU B 89 -52.55 1.23 1.21
N ASP B 90 -51.98 0.69 2.28
CA ASP B 90 -51.13 1.47 3.17
C ASP B 90 -49.71 0.95 3.26
N ALA B 91 -49.36 -0.02 2.45
CA ALA B 91 -48.03 -0.62 2.53
C ALA B 91 -47.47 -0.77 1.13
N ALA B 92 -46.17 -0.57 1.00
CA ALA B 92 -45.46 -0.84 -0.25
C ALA B 92 -44.01 -1.16 0.02
N CYS B 93 -43.31 -1.51 -1.04
CA CYS B 93 -41.96 -1.99 -0.90
C CYS B 93 -41.22 -1.75 -2.20
N ILE B 94 -40.05 -1.11 -2.12
CA ILE B 94 -39.27 -0.83 -3.33
C ILE B 94 -37.88 -1.45 -3.25
N ALA B 95 -37.47 -2.10 -4.35
CA ALA B 95 -36.12 -2.67 -4.52
C ALA B 95 -35.49 -1.99 -5.71
N TYR B 96 -34.26 -1.52 -5.56
CA TYR B 96 -33.59 -0.77 -6.64
C TYR B 96 -32.07 -0.87 -6.53
N ILE B 97 -31.39 -0.64 -7.65
CA ILE B 97 -29.93 -0.49 -7.67
C ILE B 97 -29.60 1.00 -7.67
N ARG B 98 -28.63 1.36 -6.84
CA ARG B 98 -28.16 2.72 -6.76
C ARG B 98 -26.73 2.80 -7.21
N LEU B 99 -26.51 3.51 -8.31
CA LEU B 99 -25.17 3.88 -8.75
C LEU B 99 -24.92 5.29 -8.27
N THR B 100 -23.76 5.50 -7.67
CA THR B 100 -23.36 6.82 -7.20
C THR B 100 -22.04 7.21 -7.81
N GLN B 101 -22.06 8.27 -8.61
CA GLN B 101 -20.85 8.86 -9.10
C GLN B 101 -20.43 9.91 -8.10
N TYR B 102 -19.13 9.97 -7.80
CA TYR B 102 -18.61 10.89 -6.80
C TYR B 102 -17.14 11.13 -7.06
N ILE B 103 -16.56 12.04 -6.29
CA ILE B 103 -15.13 12.39 -6.41
C ILE B 103 -14.40 11.97 -5.14
N ASP B 104 -13.22 11.36 -5.32
CA ASP B 104 -12.51 10.70 -4.22
C ASP B 104 -11.42 11.60 -3.62
N GLY B 105 -10.76 11.07 -2.58
CA GLY B 105 -9.64 11.74 -1.89
C GLY B 105 -8.47 12.12 -2.79
N GLN B 106 -8.08 11.20 -3.68
CA GLN B 106 -7.02 11.47 -4.65
C GLN B 106 -7.44 12.50 -5.72
N GLY B 107 -8.71 12.94 -5.70
CA GLY B 107 -9.25 13.87 -6.68
C GLY B 107 -9.98 13.19 -7.84
N ARG B 108 -9.75 11.88 -8.00
CA ARG B 108 -10.35 11.09 -9.09
C ARG B 108 -11.87 10.82 -8.89
N PRO B 109 -12.62 10.65 -10.01
CA PRO B 109 -14.05 10.31 -9.92
C PRO B 109 -14.28 8.79 -9.97
N ARG B 110 -15.24 8.31 -9.18
CA ARG B 110 -15.45 6.89 -9.02
C ARG B 110 -16.94 6.59 -8.98
N THR B 111 -17.27 5.32 -9.10
CA THR B 111 -18.66 4.89 -9.03
C THR B 111 -18.78 3.84 -7.92
N SER B 112 -19.92 3.80 -7.26
CA SER B 112 -20.20 2.66 -6.38
C SER B 112 -21.59 2.19 -6.65
N GLN B 113 -21.78 0.87 -6.49
CA GLN B 113 -23.09 0.25 -6.70
C GLN B 113 -23.55 -0.27 -5.40
N SER B 114 -24.84 -0.08 -5.11
CA SER B 114 -25.44 -0.76 -3.96
C SER B 114 -26.87 -1.14 -4.32
N GLU B 115 -27.31 -2.23 -3.69
CA GLU B 115 -28.62 -2.78 -3.91
C GLU B 115 -29.41 -2.45 -2.69
N GLU B 116 -30.59 -1.87 -2.88
CA GLU B 116 -31.33 -1.30 -1.76
C GLU B 116 -32.79 -1.68 -1.74
N THR B 117 -33.27 -2.01 -0.55
CA THR B 117 -34.68 -2.31 -0.28
C THR B 117 -35.18 -1.25 0.72
N ARG B 118 -36.32 -0.64 0.41
CA ARG B 118 -36.99 0.20 1.38
C ARG B 118 -38.44 -0.22 1.50
N VAL B 119 -38.89 -0.40 2.76
CA VAL B 119 -40.26 -0.78 3.05
C VAL B 119 -40.99 0.45 3.58
N TRP B 120 -42.20 0.66 3.05
CA TRP B 120 -42.98 1.89 3.27
C TRP B 120 -44.34 1.64 3.89
N HIS B 121 -44.71 2.51 4.82
CA HIS B 121 -45.99 2.44 5.52
C HIS B 121 -46.60 3.82 5.55
N ARG B 122 -47.83 3.94 5.07
CA ARG B 122 -48.56 5.21 5.13
C ARG B 122 -49.32 5.31 6.44
N ARG B 123 -48.95 6.29 7.26
CA ARG B 123 -49.64 6.55 8.52
C ARG B 123 -50.09 8.00 8.49
N ASP B 124 -51.38 8.22 8.73
CA ASP B 124 -51.96 9.56 8.68
C ASP B 124 -51.62 10.27 7.36
N GLY B 125 -51.87 9.60 6.24
CA GLY B 125 -51.71 10.22 4.92
C GLY B 125 -50.28 10.50 4.47
N LYS B 126 -49.28 10.17 5.30
CA LYS B 126 -47.88 10.36 4.91
C LYS B 126 -47.13 9.02 4.86
N TRP B 127 -46.41 8.78 3.75
CA TRP B 127 -45.58 7.59 3.58
C TRP B 127 -44.30 7.72 4.42
N LEU B 128 -44.03 6.69 5.23
CA LEU B 128 -42.84 6.66 6.08
C LEU B 128 -42.04 5.37 5.84
N ASN B 129 -40.71 5.50 5.82
CA ASN B 129 -39.79 4.37 5.63
C ASN B 129 -39.61 3.66 6.98
N VAL B 130 -39.99 2.38 7.03
CA VAL B 130 -39.91 1.63 8.27
C VAL B 130 -38.71 0.72 8.31
N HIS B 131 -38.25 0.27 7.15
CA HIS B 131 -37.12 -0.62 7.07
C HIS B 131 -36.25 -0.28 5.85
N TYR B 132 -34.97 -0.59 5.98
CA TYR B 132 -33.97 -0.32 4.96
C TYR B 132 -32.90 -1.41 4.97
N HIS B 133 -32.65 -2.00 3.82
CA HIS B 133 -31.66 -3.00 3.69
C HIS B 133 -30.80 -2.58 2.51
N CYS B 134 -29.51 -2.42 2.76
CA CYS B 134 -28.56 -2.02 1.75
C CYS B 134 -27.38 -2.99 1.71
N SER B 135 -27.01 -3.40 0.51
CA SER B 135 -25.85 -4.24 0.34
C SER B 135 -24.96 -3.64 -0.72
N GLY B 136 -23.66 -3.80 -0.54
CA GLY B 136 -22.65 -3.32 -1.50
C GLY B 136 -21.24 -3.25 -0.94
N SER C 1 -18.44 -4.86 -57.58
CA SER C 1 -17.87 -4.11 -58.75
C SER C 1 -16.73 -3.18 -58.30
N MET C 2 -16.15 -2.46 -59.26
CA MET C 2 -15.16 -1.43 -58.94
C MET C 2 -15.82 -0.28 -58.15
N THR C 3 -16.95 0.20 -58.66
CA THR C 3 -17.71 1.31 -58.04
C THR C 3 -18.28 0.94 -56.66
N GLU C 4 -18.66 -0.32 -56.49
CA GLU C 4 -19.27 -0.79 -55.23
C GLU C 4 -18.30 -0.91 -54.05
N ASP C 5 -17.15 -1.53 -54.31
CA ASP C 5 -16.08 -1.67 -53.33
C ASP C 5 -15.68 -0.30 -52.82
N GLU C 6 -15.57 0.63 -53.77
CA GLU C 6 -15.17 2.00 -53.47
C GLU C 6 -16.24 2.71 -52.64
N ASP C 7 -17.50 2.45 -52.96
CA ASP C 7 -18.62 2.94 -52.17
C ASP C 7 -18.54 2.47 -50.73
N LEU C 8 -18.23 1.19 -50.53
CA LEU C 8 -18.14 0.60 -49.21
C LEU C 8 -17.00 1.23 -48.41
N LYS C 9 -15.85 1.40 -49.07
CA LYS C 9 -14.68 2.08 -48.50
C LYS C 9 -15.04 3.47 -47.98
N VAL C 10 -15.75 4.24 -48.79
CA VAL C 10 -16.16 5.60 -48.39
C VAL C 10 -17.06 5.61 -47.16
N ARG C 11 -18.07 4.75 -47.13
CA ARG C 11 -18.97 4.69 -45.96
C ARG C 11 -18.20 4.29 -44.71
N LYS C 12 -17.34 3.28 -44.85
CA LYS C 12 -16.50 2.87 -43.74
C LYS C 12 -15.70 4.05 -43.21
N GLN C 13 -15.10 4.84 -44.11
CA GLN C 13 -14.30 6.00 -43.69
C GLN C 13 -15.18 7.08 -43.02
N GLU C 14 -16.42 7.20 -43.50
CA GLU C 14 -17.40 8.11 -42.89
C GLU C 14 -17.58 7.80 -41.40
N ILE C 15 -17.66 6.51 -41.08
CA ILE C 15 -17.89 6.05 -39.71
C ILE C 15 -16.64 6.21 -38.84
N ILE C 16 -15.46 6.08 -39.45
CA ILE C 16 -14.22 6.30 -38.71
C ILE C 16 -14.10 7.79 -38.39
N LYS C 17 -14.31 8.65 -39.37
CA LYS C 17 -14.20 10.07 -39.12
C LYS C 17 -15.09 10.49 -37.96
N ILE C 18 -16.37 10.08 -37.95
CA ILE C 18 -17.28 10.56 -36.92
C ILE C 18 -16.96 9.97 -35.54
N THR C 19 -16.53 8.71 -35.52
CA THR C 19 -16.06 8.10 -34.28
C THR C 19 -14.89 8.91 -33.74
N GLU C 20 -13.95 9.30 -34.62
CA GLU C 20 -12.77 10.10 -34.23
C GLU C 20 -13.17 11.47 -33.69
N GLN C 21 -14.19 12.07 -34.29
CA GLN C 21 -14.68 13.36 -33.83
C GLN C 21 -15.32 13.22 -32.46
N LEU C 22 -16.06 12.14 -32.25
CA LEU C 22 -16.70 11.88 -30.94
C LEU C 22 -15.64 11.80 -29.85
N ILE C 23 -14.55 11.12 -30.17
CA ILE C 23 -13.43 10.95 -29.25
C ILE C 23 -12.75 12.29 -28.96
N GLU C 24 -12.62 13.14 -29.98
CA GLU C 24 -12.06 14.49 -29.77
C GLU C 24 -12.92 15.28 -28.79
N ALA C 25 -14.24 15.21 -28.99
CA ALA C 25 -15.21 15.93 -28.15
C ALA C 25 -15.11 15.49 -26.69
N ILE C 26 -14.94 14.20 -26.49
CA ILE C 26 -14.77 13.65 -25.16
C ILE C 26 -13.45 14.18 -24.52
N ASN C 27 -12.34 14.06 -25.26
CA ASN C 27 -11.03 14.50 -24.79
C ASN C 27 -10.99 15.98 -24.43
N ASN C 28 -11.63 16.79 -25.26
CA ASN C 28 -11.72 18.23 -25.03
C ASN C 28 -12.75 18.63 -23.99
N GLY C 29 -13.61 17.70 -23.58
CA GLY C 29 -14.69 18.00 -22.63
C GLY C 29 -15.80 18.86 -23.22
N ASP C 30 -16.04 18.74 -24.53
CA ASP C 30 -17.08 19.49 -25.21
C ASP C 30 -18.37 18.70 -25.18
N PHE C 31 -19.23 19.03 -24.22
CA PHE C 31 -20.46 18.28 -23.99
C PHE C 31 -21.50 18.60 -25.05
N GLU C 32 -21.45 19.81 -25.58
CA GLU C 32 -22.43 20.20 -26.60
C GLU C 32 -22.15 19.45 -27.88
N ALA C 33 -20.87 19.34 -28.24
CA ALA C 33 -20.44 18.54 -29.37
C ALA C 33 -20.85 17.10 -29.12
N TYR C 34 -20.61 16.62 -27.89
CA TYR C 34 -20.95 15.26 -27.52
C TYR C 34 -22.43 14.98 -27.70
N THR C 35 -23.27 15.87 -27.19
CA THR C 35 -24.73 15.64 -27.25
C THR C 35 -25.25 15.73 -28.70
N LYS C 36 -24.55 16.48 -29.54
CA LYS C 36 -24.93 16.60 -30.96
C LYS C 36 -24.63 15.31 -31.72
N ILE C 37 -23.59 14.57 -31.30
CA ILE C 37 -23.21 13.33 -31.98
C ILE C 37 -23.86 12.08 -31.39
N CYS C 38 -24.38 12.18 -30.18
CA CYS C 38 -25.01 11.05 -29.52
C CYS C 38 -26.50 11.12 -29.61
N ASP C 39 -27.12 9.98 -29.84
CA ASP C 39 -28.56 9.90 -29.78
C ASP C 39 -28.98 10.13 -28.33
N PRO C 40 -30.07 10.88 -28.09
CA PRO C 40 -30.49 11.10 -26.72
C PRO C 40 -30.85 9.82 -26.01
N GLY C 41 -31.18 8.77 -26.74
CA GLY C 41 -31.45 7.45 -26.14
C GLY C 41 -30.23 6.53 -26.04
N LEU C 42 -29.02 7.09 -26.20
CA LEU C 42 -27.78 6.31 -26.11
C LEU C 42 -27.80 5.44 -24.87
N THR C 43 -27.52 4.15 -25.05
CA THR C 43 -27.29 3.22 -23.94
C THR C 43 -25.79 2.86 -23.89
N SER C 44 -25.29 2.52 -22.71
CA SER C 44 -23.87 2.24 -22.54
C SER C 44 -23.57 1.12 -21.57
N PHE C 45 -22.72 0.18 -21.99
CA PHE C 45 -21.99 -0.70 -21.07
C PHE C 45 -20.56 -0.17 -20.98
N GLU C 46 -20.09 0.10 -19.76
CA GLU C 46 -18.75 0.58 -19.57
C GLU C 46 -18.28 0.34 -18.13
N PRO C 47 -16.95 0.27 -17.91
CA PRO C 47 -16.41 -0.07 -16.59
C PRO C 47 -16.97 0.79 -15.44
N GLU C 48 -17.22 2.08 -15.67
CA GLU C 48 -17.69 2.96 -14.61
C GLU C 48 -19.15 2.73 -14.25
N ALA C 49 -19.87 2.03 -15.13
CA ALA C 49 -21.28 1.65 -14.86
C ALA C 49 -21.37 0.31 -14.10
N LEU C 50 -20.24 -0.34 -13.83
CA LEU C 50 -20.20 -1.50 -12.90
C LEU C 50 -21.12 -2.68 -13.29
N GLY C 51 -21.12 -3.01 -14.58
CA GLY C 51 -21.89 -4.14 -15.11
C GLY C 51 -23.33 -3.83 -15.49
N ASN C 52 -23.74 -2.58 -15.31
CA ASN C 52 -25.08 -2.14 -15.63
C ASN C 52 -25.12 -1.43 -16.97
N LEU C 53 -26.30 -1.48 -17.59
CA LEU C 53 -26.58 -0.70 -18.80
C LEU C 53 -27.16 0.61 -18.30
N VAL C 54 -26.56 1.71 -18.73
CA VAL C 54 -27.00 3.04 -18.32
C VAL C 54 -27.47 3.83 -19.53
N GLU C 55 -28.37 4.79 -19.29
CA GLU C 55 -28.66 5.81 -20.29
C GLU C 55 -27.47 6.79 -20.30
N GLY C 56 -26.65 6.67 -21.34
CA GLY C 56 -25.38 7.40 -21.44
C GLY C 56 -25.38 8.92 -21.31
N MET C 57 -26.48 9.59 -21.68
CA MET C 57 -26.45 11.06 -21.64
C MET C 57 -26.47 11.61 -20.23
N ASP C 58 -27.25 11.00 -19.34
CA ASP C 58 -27.29 11.41 -17.94
C ASP C 58 -26.00 10.97 -17.20
N PHE C 59 -25.58 9.74 -17.47
CA PHE C 59 -24.45 9.14 -16.76
C PHE C 59 -23.14 9.83 -17.10
N HIS C 60 -23.02 10.31 -18.33
CA HIS C 60 -21.79 10.93 -18.79
C HIS C 60 -21.65 12.40 -18.42
N LYS C 61 -22.77 13.04 -18.06
CA LYS C 61 -22.72 14.45 -17.64
C LYS C 61 -21.68 14.65 -16.54
N PHE C 62 -21.59 13.67 -15.63
CA PHE C 62 -20.74 13.80 -14.46
C PHE C 62 -19.28 13.94 -14.84
N TYR C 63 -18.87 13.21 -15.86
CA TYR C 63 -17.46 13.20 -16.25
C TYR C 63 -17.09 14.48 -16.99
N PHE C 64 -18.07 15.10 -17.63
CA PHE C 64 -17.86 16.37 -18.29
C PHE C 64 -17.83 17.52 -17.29
N GLU C 65 -18.78 17.54 -16.36
CA GLU C 65 -18.81 18.57 -15.33
C GLU C 65 -17.58 18.53 -14.41
N ASN C 66 -17.05 17.35 -14.12
CA ASN C 66 -16.09 17.18 -13.04
C ASN C 66 -14.71 16.65 -13.43
N LEU C 67 -14.40 16.60 -14.72
CA LEU C 67 -13.11 16.02 -15.12
C LEU C 67 -12.61 16.48 -16.49
N LEU C 68 -13.34 16.09 -17.53
CA LEU C 68 -12.87 16.23 -18.91
C LEU C 68 -12.69 17.69 -19.32
N SER C 69 -13.61 18.56 -18.90
CA SER C 69 -13.49 20.01 -19.17
C SER C 69 -12.40 20.72 -18.34
N LYS C 70 -12.31 20.35 -17.04
CA LYS C 70 -11.30 20.88 -16.09
C LYS C 70 -9.82 20.60 -16.51
N ASN C 71 -9.64 19.50 -17.25
CA ASN C 71 -8.33 18.91 -17.60
C ASN C 71 -7.44 19.75 -18.56
N SER C 72 -6.27 20.17 -18.05
CA SER C 72 -5.17 20.77 -18.84
C SER C 72 -4.04 19.76 -19.18
N LYS C 73 -4.13 18.54 -18.63
CA LYS C 73 -3.04 17.52 -18.73
C LYS C 73 -3.10 16.76 -20.07
N PRO C 74 -1.92 16.44 -20.64
CA PRO C 74 -1.88 15.94 -22.01
C PRO C 74 -2.36 14.50 -22.07
N ILE C 75 -2.99 14.15 -23.19
CA ILE C 75 -3.39 12.79 -23.44
C ILE C 75 -3.36 12.52 -24.94
N HIS C 76 -2.73 11.41 -25.32
CA HIS C 76 -2.68 10.98 -26.71
C HIS C 76 -3.47 9.70 -26.85
N THR C 77 -4.49 9.73 -27.69
CA THR C 77 -5.29 8.56 -28.00
C THR C 77 -4.83 7.95 -29.31
N THR C 78 -4.74 6.62 -29.32
CA THR C 78 -4.38 5.84 -30.50
C THR C 78 -5.51 4.85 -30.74
N ILE C 79 -6.03 4.82 -31.96
CA ILE C 79 -7.08 3.89 -32.32
C ILE C 79 -6.46 2.79 -33.15
N LEU C 80 -6.51 1.56 -32.67
CA LEU C 80 -5.84 0.45 -33.33
C LEU C 80 -6.83 -0.48 -33.99
N ASN C 81 -6.52 -0.85 -35.23
CA ASN C 81 -7.21 -1.94 -35.93
C ASN C 81 -8.72 -1.78 -35.92
N PRO C 82 -9.22 -0.61 -36.36
CA PRO C 82 -10.66 -0.44 -36.42
C PRO C 82 -11.27 -1.35 -37.46
N HIS C 83 -12.51 -1.76 -37.22
CA HIS C 83 -13.27 -2.60 -38.12
C HIS C 83 -14.66 -2.02 -38.14
N VAL C 84 -15.16 -1.75 -39.35
CA VAL C 84 -16.50 -1.21 -39.57
C VAL C 84 -17.40 -2.23 -40.32
N HIS C 85 -18.58 -2.47 -39.78
CA HIS C 85 -19.62 -3.23 -40.43
C HIS C 85 -20.64 -2.22 -40.92
N VAL C 86 -20.84 -2.17 -42.23
CA VAL C 86 -21.87 -1.35 -42.84
C VAL C 86 -23.13 -2.19 -42.89
N ILE C 87 -24.19 -1.75 -42.20
CA ILE C 87 -25.40 -2.55 -42.01
C ILE C 87 -26.58 -1.88 -42.72
N GLY C 88 -26.42 -1.58 -44.01
CA GLY C 88 -27.43 -0.86 -44.78
C GLY C 88 -27.13 0.63 -44.85
N GLU C 89 -27.98 1.34 -45.61
CA GLU C 89 -27.79 2.76 -45.88
C GLU C 89 -27.60 3.62 -44.63
N ASP C 90 -28.34 3.28 -43.56
CA ASP C 90 -28.50 4.17 -42.39
C ASP C 90 -27.95 3.61 -41.10
N ALA C 91 -27.28 2.47 -41.15
CA ALA C 91 -26.78 1.85 -39.92
C ALA C 91 -25.37 1.34 -40.13
N ALA C 92 -24.56 1.47 -39.10
CA ALA C 92 -23.18 0.98 -39.13
C ALA C 92 -22.74 0.67 -37.73
N CYS C 93 -21.56 0.08 -37.64
CA CYS C 93 -21.05 -0.40 -36.39
C CYS C 93 -19.53 -0.44 -36.43
N ILE C 94 -18.89 0.16 -35.42
CA ILE C 94 -17.42 0.17 -35.37
C ILE C 94 -16.90 -0.49 -34.08
N ALA C 95 -15.90 -1.36 -34.26
CA ALA C 95 -15.16 -1.97 -33.15
C ALA C 95 -13.70 -1.56 -33.29
N TYR C 96 -13.10 -1.10 -32.20
CA TYR C 96 -11.72 -0.66 -32.22
C TYR C 96 -11.08 -0.83 -30.86
N ILE C 97 -9.74 -0.83 -30.83
CA ILE C 97 -8.98 -0.79 -29.60
C ILE C 97 -8.47 0.62 -29.42
N ARG C 98 -8.62 1.14 -28.20
CA ARG C 98 -8.17 2.47 -27.82
C ARG C 98 -7.05 2.40 -26.80
N LEU C 99 -5.88 2.83 -27.22
CA LEU C 99 -4.78 3.08 -26.29
C LEU C 99 -4.78 4.56 -25.95
N THR C 100 -4.68 4.85 -24.65
CA THR C 100 -4.63 6.20 -24.18
C THR C 100 -3.35 6.41 -23.36
N GLN C 101 -2.47 7.27 -23.86
CA GLN C 101 -1.33 7.66 -23.09
C GLN C 101 -1.75 8.89 -22.32
N TYR C 102 -1.32 8.96 -21.06
CA TYR C 102 -1.73 10.03 -20.16
C TYR C 102 -0.75 10.15 -19.02
N ILE C 103 -0.90 11.18 -18.20
CA ILE C 103 -0.01 11.38 -17.06
C ILE C 103 -0.78 11.22 -15.77
N ASP C 104 -0.15 10.54 -14.82
CA ASP C 104 -0.81 10.10 -13.60
C ASP C 104 -0.59 11.05 -12.41
N GLY C 105 -1.15 10.63 -11.27
CA GLY C 105 -1.13 11.41 -10.03
C GLY C 105 0.23 11.60 -9.41
N GLN C 106 1.03 10.53 -9.38
CA GLN C 106 2.42 10.64 -8.90
C GLN C 106 3.36 11.14 -10.01
N GLY C 107 2.80 11.79 -11.03
CA GLY C 107 3.59 12.50 -12.06
C GLY C 107 3.90 11.70 -13.31
N ARG C 108 3.96 10.39 -13.17
CA ARG C 108 4.43 9.48 -14.24
C ARG C 108 3.41 9.26 -15.41
N PRO C 109 3.93 8.91 -16.61
CA PRO C 109 3.07 8.68 -17.76
C PRO C 109 2.72 7.21 -17.87
N ARG C 110 1.49 6.93 -18.30
CA ARG C 110 0.99 5.56 -18.33
C ARG C 110 0.12 5.36 -19.57
N THR C 111 -0.21 4.11 -19.85
CA THR C 111 -1.05 3.72 -20.98
C THR C 111 -2.25 2.96 -20.43
N SER C 112 -3.40 3.08 -21.06
CA SER C 112 -4.50 2.20 -20.76
C SER C 112 -5.11 1.71 -22.06
N GLN C 113 -5.53 0.46 -22.07
CA GLN C 113 -6.16 -0.12 -23.23
C GLN C 113 -7.61 -0.28 -22.92
N SER C 114 -8.45 -0.03 -23.92
CA SER C 114 -9.83 -0.45 -23.82
C SER C 114 -10.31 -0.88 -25.18
N GLU C 115 -11.27 -1.80 -25.20
CA GLU C 115 -11.86 -2.31 -26.42
C GLU C 115 -13.27 -1.73 -26.52
N GLU C 116 -13.58 -1.13 -27.67
CA GLU C 116 -14.77 -0.32 -27.80
C GLU C 116 -15.63 -0.64 -29.01
N THR C 117 -16.93 -0.74 -28.77
CA THR C 117 -17.92 -0.89 -29.83
C THR C 117 -18.83 0.33 -29.82
N ARG C 118 -19.05 0.94 -30.98
CA ARG C 118 -20.06 2.00 -31.11
C ARG C 118 -20.99 1.64 -32.25
N VAL C 119 -22.29 1.74 -32.00
CA VAL C 119 -23.29 1.49 -33.03
C VAL C 119 -23.86 2.84 -33.48
N TRP C 120 -24.01 2.97 -34.79
CA TRP C 120 -24.37 4.24 -35.43
C TRP C 120 -25.67 4.16 -36.25
N HIS C 121 -26.45 5.23 -36.15
CA HIS C 121 -27.70 5.35 -36.87
C HIS C 121 -27.79 6.73 -37.49
N ARG C 122 -27.95 6.78 -38.80
CA ARG C 122 -28.14 8.06 -39.47
C ARG C 122 -29.60 8.44 -39.43
N ARG C 123 -29.90 9.57 -38.80
CA ARG C 123 -31.23 10.14 -38.78
C ARG C 123 -31.17 11.57 -39.31
N ASP C 124 -32.02 11.88 -40.29
CA ASP C 124 -32.05 13.20 -40.90
C ASP C 124 -30.64 13.67 -41.29
N GLY C 125 -29.93 12.80 -42.01
CA GLY C 125 -28.62 13.13 -42.57
C GLY C 125 -27.45 13.19 -41.61
N LYS C 126 -27.71 12.98 -40.32
CA LYS C 126 -26.67 13.05 -39.30
C LYS C 126 -26.46 11.69 -38.62
N TRP C 127 -25.21 11.22 -38.59
CA TRP C 127 -24.89 9.99 -37.85
C TRP C 127 -24.90 10.23 -36.33
N LEU C 128 -25.62 9.37 -35.62
CA LEU C 128 -25.74 9.45 -34.17
C LEU C 128 -25.36 8.12 -33.51
N ASN C 129 -24.65 8.20 -32.40
CA ASN C 129 -24.25 7.03 -31.65
C ASN C 129 -25.41 6.62 -30.76
N VAL C 130 -25.90 5.39 -30.98
CA VAL C 130 -27.05 4.87 -30.22
C VAL C 130 -26.67 3.86 -29.15
N HIS C 131 -25.52 3.21 -29.28
CA HIS C 131 -25.02 2.27 -28.29
C HIS C 131 -23.52 2.30 -28.20
N TYR C 132 -23.02 2.00 -27.01
CA TYR C 132 -21.58 2.01 -26.71
C TYR C 132 -21.26 0.91 -25.70
N HIS C 133 -20.29 0.08 -26.04
CA HIS C 133 -19.82 -0.98 -25.16
C HIS C 133 -18.32 -0.79 -25.06
N CYS C 134 -17.86 -0.62 -23.83
CA CYS C 134 -16.46 -0.42 -23.54
C CYS C 134 -16.01 -1.45 -22.54
N SER C 135 -14.93 -2.18 -22.82
CA SER C 135 -14.36 -3.09 -21.83
C SER C 135 -12.90 -2.75 -21.62
N GLY C 136 -12.40 -2.90 -20.38
CA GLY C 136 -11.00 -2.63 -20.07
C GLY C 136 -10.78 -2.60 -18.57
N ALA C 137 -9.58 -3.01 -18.15
CA ALA C 137 -9.20 -3.04 -16.71
C ALA C 137 -9.99 -2.09 -15.81
N MET D 2 39.06 -14.50 -42.75
CA MET D 2 40.00 -13.67 -41.92
C MET D 2 39.79 -12.19 -42.25
N THR D 3 39.96 -11.84 -43.51
CA THR D 3 39.50 -10.55 -44.00
C THR D 3 37.98 -10.66 -44.22
N GLU D 4 37.51 -11.86 -44.58
CA GLU D 4 36.07 -12.19 -44.58
C GLU D 4 35.49 -11.96 -43.18
N ASP D 5 36.30 -12.34 -42.20
CA ASP D 5 36.00 -12.24 -40.77
C ASP D 5 36.12 -10.80 -40.24
N GLU D 6 37.15 -10.09 -40.67
CA GLU D 6 37.37 -8.70 -40.24
C GLU D 6 36.27 -7.81 -40.78
N ASP D 7 35.86 -8.06 -42.02
CA ASP D 7 34.70 -7.41 -42.64
C ASP D 7 33.45 -7.55 -41.75
N LEU D 8 33.20 -8.78 -41.32
CA LEU D 8 32.01 -9.05 -40.53
C LEU D 8 32.08 -8.31 -39.19
N LYS D 9 33.25 -8.35 -38.56
CA LYS D 9 33.48 -7.64 -37.30
C LYS D 9 33.14 -6.15 -37.44
N VAL D 10 33.62 -5.52 -38.52
CA VAL D 10 33.38 -4.10 -38.79
C VAL D 10 31.89 -3.77 -38.92
N ARG D 11 31.16 -4.56 -39.70
CA ARG D 11 29.71 -4.34 -39.89
C ARG D 11 29.03 -4.46 -38.57
N LYS D 12 29.37 -5.50 -37.83
CA LYS D 12 28.76 -5.70 -36.50
C LYS D 12 29.01 -4.51 -35.60
N GLN D 13 30.21 -3.96 -35.62
CA GLN D 13 30.49 -2.77 -34.81
C GLN D 13 29.67 -1.56 -35.30
N GLU D 14 29.47 -1.49 -36.61
CA GLU D 14 28.68 -0.43 -37.21
C GLU D 14 27.29 -0.36 -36.56
N ILE D 15 26.68 -1.54 -36.40
CA ILE D 15 25.32 -1.67 -35.86
C ILE D 15 25.27 -1.41 -34.35
N ILE D 16 26.33 -1.76 -33.64
CA ILE D 16 26.42 -1.46 -32.23
C ILE D 16 26.54 0.04 -32.06
N LYS D 17 27.43 0.69 -32.80
CA LYS D 17 27.58 2.15 -32.65
C LYS D 17 26.24 2.86 -32.85
N ILE D 18 25.49 2.50 -33.90
CA ILE D 18 24.25 3.20 -34.22
C ILE D 18 23.16 2.91 -33.18
N THR D 19 23.11 1.67 -32.72
CA THR D 19 22.18 1.33 -31.64
C THR D 19 22.48 2.16 -30.40
N GLU D 20 23.76 2.28 -30.05
CA GLU D 20 24.17 3.10 -28.90
C GLU D 20 23.80 4.56 -29.06
N GLN D 21 23.95 5.07 -30.29
CA GLN D 21 23.60 6.45 -30.58
C GLN D 21 22.10 6.66 -30.42
N LEU D 22 21.31 5.69 -30.87
CA LEU D 22 19.87 5.76 -30.73
C LEU D 22 19.49 5.87 -29.25
N ILE D 23 20.11 5.05 -28.42
CA ILE D 23 19.86 5.02 -26.98
C ILE D 23 20.27 6.35 -26.33
N GLU D 24 21.38 6.94 -26.77
CA GLU D 24 21.79 8.26 -26.26
C GLU D 24 20.72 9.30 -26.60
N ALA D 25 20.19 9.25 -27.83
CA ALA D 25 19.13 10.17 -28.28
C ALA D 25 17.86 10.05 -27.42
N ILE D 26 17.50 8.82 -27.07
CA ILE D 26 16.35 8.58 -26.20
C ILE D 26 16.59 9.13 -24.79
N ASN D 27 17.75 8.83 -24.21
CA ASN D 27 18.09 9.31 -22.86
C ASN D 27 18.13 10.83 -22.74
N ASN D 28 18.69 11.49 -23.77
CA ASN D 28 18.77 12.96 -23.80
C ASN D 28 17.44 13.63 -24.16
N GLY D 29 16.49 12.84 -24.68
CA GLY D 29 15.22 13.38 -25.14
C GLY D 29 15.33 14.16 -26.44
N ASP D 30 16.26 13.77 -27.31
CA ASP D 30 16.43 14.41 -28.62
C ASP D 30 15.58 13.69 -29.66
N PHE D 31 14.41 14.25 -29.94
CA PHE D 31 13.44 13.64 -30.84
C PHE D 31 13.85 13.78 -32.30
N GLU D 32 14.58 14.84 -32.57
CA GLU D 32 15.06 15.16 -33.91
C GLU D 32 16.07 14.09 -34.31
N ALA D 33 17.00 13.82 -33.40
CA ALA D 33 18.00 12.76 -33.57
C ALA D 33 17.30 11.40 -33.67
N TYR D 34 16.30 11.21 -32.82
CA TYR D 34 15.51 9.98 -32.83
C TYR D 34 14.86 9.75 -34.19
N THR D 35 14.15 10.76 -34.71
CA THR D 35 13.43 10.62 -35.97
C THR D 35 14.38 10.42 -37.15
N LYS D 36 15.60 10.94 -37.03
CA LYS D 36 16.64 10.76 -38.06
C LYS D 36 17.17 9.31 -38.12
N ILE D 37 17.17 8.63 -36.97
CA ILE D 37 17.68 7.25 -36.87
C ILE D 37 16.61 6.20 -37.07
N CYS D 38 15.35 6.60 -36.91
CA CYS D 38 14.25 5.66 -37.05
C CYS D 38 13.57 5.81 -38.38
N ASP D 39 13.23 4.68 -38.98
CA ASP D 39 12.41 4.67 -40.16
C ASP D 39 11.05 5.24 -39.77
N PRO D 40 10.46 6.07 -40.64
CA PRO D 40 9.09 6.56 -40.40
C PRO D 40 8.04 5.48 -40.19
N GLY D 41 8.26 4.30 -40.78
CA GLY D 41 7.38 3.14 -40.61
C GLY D 41 7.72 2.20 -39.47
N LEU D 42 8.55 2.68 -38.53
CA LEU D 42 8.96 1.89 -37.38
C LEU D 42 7.75 1.29 -36.69
N THR D 43 7.80 -0.02 -36.45
CA THR D 43 6.82 -0.72 -35.63
C THR D 43 7.46 -1.13 -34.30
N SER D 44 6.65 -1.23 -33.25
CA SER D 44 7.17 -1.54 -31.93
C SER D 44 6.26 -2.47 -31.10
N PHE D 45 6.87 -3.52 -30.55
CA PHE D 45 6.31 -4.26 -29.43
C PHE D 45 7.05 -3.79 -28.17
N GLU D 46 6.34 -3.31 -27.16
CA GLU D 46 6.97 -2.85 -25.95
C GLU D 46 5.98 -2.76 -24.79
N PRO D 47 6.48 -2.80 -23.56
CA PRO D 47 5.60 -2.92 -22.37
C PRO D 47 4.52 -1.85 -22.27
N GLU D 48 4.86 -0.64 -22.67
CA GLU D 48 3.93 0.48 -22.65
C GLU D 48 2.81 0.38 -23.70
N ALA D 49 3.01 -0.45 -24.72
CA ALA D 49 1.99 -0.67 -25.77
C ALA D 49 1.05 -1.81 -25.40
N LEU D 50 1.24 -2.41 -24.23
CA LEU D 50 0.22 -3.33 -23.69
C LEU D 50 -0.14 -4.51 -24.61
N GLY D 51 0.88 -5.10 -25.23
CA GLY D 51 0.70 -6.30 -26.06
C GLY D 51 0.31 -6.02 -27.49
N ASN D 52 0.20 -4.74 -27.83
CA ASN D 52 -0.12 -4.33 -29.18
C ASN D 52 1.12 -3.87 -29.94
N LEU D 53 1.05 -4.00 -31.26
CA LEU D 53 2.08 -3.47 -32.16
C LEU D 53 1.64 -2.08 -32.51
N VAL D 54 2.54 -1.13 -32.28
CA VAL D 54 2.24 0.28 -32.52
C VAL D 54 3.16 0.83 -33.60
N GLU D 55 2.70 1.84 -34.34
CA GLU D 55 3.61 2.63 -35.17
C GLU D 55 4.40 3.53 -34.22
N GLY D 56 5.66 3.15 -34.00
CA GLY D 56 6.54 3.75 -32.98
C GLY D 56 6.76 5.26 -33.01
N MET D 57 6.63 5.92 -34.17
CA MET D 57 6.90 7.36 -34.28
C MET D 57 5.82 8.23 -33.64
N ASP D 58 4.57 7.82 -33.78
CA ASP D 58 3.46 8.52 -33.12
C ASP D 58 3.40 8.19 -31.62
N PHE D 59 3.57 6.92 -31.30
CA PHE D 59 3.44 6.44 -29.93
C PHE D 59 4.57 6.96 -29.01
N HIS D 60 5.75 7.14 -29.59
CA HIS D 60 6.90 7.57 -28.81
C HIS D 60 6.93 9.09 -28.60
N LYS D 61 6.21 9.86 -29.42
CA LYS D 61 6.18 11.32 -29.25
C LYS D 61 5.84 11.69 -27.80
N PHE D 62 4.93 10.94 -27.19
CA PHE D 62 4.42 11.28 -25.88
C PHE D 62 5.50 11.28 -24.80
N TYR D 63 6.43 10.35 -24.92
CA TYR D 63 7.47 10.17 -23.92
C TYR D 63 8.55 11.22 -24.06
N PHE D 64 8.71 11.74 -25.27
CA PHE D 64 9.64 12.84 -25.51
C PHE D 64 9.03 14.14 -25.02
N GLU D 65 7.78 14.41 -25.39
CA GLU D 65 7.09 15.64 -24.97
C GLU D 65 6.96 15.76 -23.45
N ASN D 66 6.79 14.64 -22.77
CA ASN D 66 6.33 14.66 -21.38
C ASN D 66 7.25 13.97 -20.37
N LEU D 67 8.46 13.60 -20.76
CA LEU D 67 9.33 12.85 -19.85
C LEU D 67 10.82 13.02 -20.14
N LEU D 68 11.26 12.45 -21.25
CA LEU D 68 12.70 12.30 -21.56
C LEU D 68 13.41 13.64 -21.74
N SER D 69 12.75 14.57 -22.44
CA SER D 69 13.26 15.95 -22.61
C SER D 69 13.16 16.76 -21.31
N LYS D 70 12.25 16.37 -20.42
CA LYS D 70 12.00 17.07 -19.15
C LYS D 70 13.11 16.88 -18.09
N ASN D 71 13.81 15.74 -18.15
CA ASN D 71 14.62 15.26 -17.00
C ASN D 71 16.14 15.63 -16.95
N SER D 72 16.54 16.18 -15.80
CA SER D 72 17.92 16.30 -15.41
C SER D 72 18.28 15.29 -14.29
N LYS D 73 17.48 14.22 -14.12
CA LYS D 73 17.81 13.11 -13.19
C LYS D 73 18.77 12.11 -13.83
N PRO D 74 19.85 11.73 -13.12
CA PRO D 74 20.87 10.87 -13.75
C PRO D 74 20.37 9.47 -14.08
N ILE D 75 20.92 8.92 -15.16
CA ILE D 75 20.64 7.55 -15.56
C ILE D 75 21.85 6.96 -16.31
N HIS D 76 22.29 5.78 -15.88
CA HIS D 76 23.37 5.05 -16.55
C HIS D 76 22.81 3.80 -17.22
N THR D 77 22.97 3.74 -18.53
CA THR D 77 22.56 2.57 -19.31
C THR D 77 23.77 1.67 -19.54
N THR D 78 23.57 0.36 -19.35
CA THR D 78 24.58 -0.64 -19.65
C THR D 78 24.00 -1.63 -20.65
N ILE D 79 24.74 -1.89 -21.71
CA ILE D 79 24.31 -2.82 -22.74
C ILE D 79 25.12 -4.09 -22.54
N LEU D 80 24.44 -5.19 -22.24
CA LEU D 80 25.11 -6.44 -21.91
C LEU D 80 24.94 -7.44 -23.03
N ASN D 81 26.05 -8.08 -23.37
CA ASN D 81 26.05 -9.27 -24.23
C ASN D 81 25.29 -9.06 -25.55
N PRO D 82 25.63 -7.98 -26.26
CA PRO D 82 24.95 -7.77 -27.53
C PRO D 82 25.30 -8.88 -28.49
N HIS D 83 24.38 -9.16 -29.40
CA HIS D 83 24.60 -10.12 -30.48
C HIS D 83 24.03 -9.50 -31.76
N VAL D 84 24.85 -9.44 -32.81
CA VAL D 84 24.45 -8.88 -34.09
C VAL D 84 24.42 -9.95 -35.17
N HIS D 85 23.32 -10.00 -35.90
CA HIS D 85 23.18 -10.82 -37.10
C HIS D 85 23.30 -9.91 -38.30
N VAL D 86 24.32 -10.11 -39.13
CA VAL D 86 24.40 -9.40 -40.40
C VAL D 86 23.63 -10.19 -41.45
N ILE D 87 22.59 -9.58 -42.02
CA ILE D 87 21.68 -10.25 -42.93
C ILE D 87 21.79 -9.66 -44.33
N GLY D 88 23.01 -9.63 -44.86
CA GLY D 88 23.25 -9.06 -46.17
C GLY D 88 23.73 -7.62 -46.06
N GLU D 89 24.11 -7.06 -47.21
CA GLU D 89 24.78 -5.75 -47.28
C GLU D 89 23.99 -4.66 -46.55
N ASP D 90 22.65 -4.72 -46.60
CA ASP D 90 21.82 -3.59 -46.20
C ASP D 90 20.87 -3.88 -45.03
N ALA D 91 21.02 -5.04 -44.40
CA ALA D 91 20.12 -5.44 -43.32
C ALA D 91 20.94 -6.01 -42.17
N ALA D 92 20.51 -5.72 -40.95
CA ALA D 92 21.14 -6.28 -39.77
C ALA D 92 20.14 -6.32 -38.66
N CYS D 93 20.56 -6.90 -37.56
CA CYS D 93 19.67 -7.16 -36.45
C CYS D 93 20.47 -7.30 -35.16
N ILE D 94 20.09 -6.56 -34.11
CA ILE D 94 20.81 -6.58 -32.84
C ILE D 94 19.87 -6.99 -31.72
N ALA D 95 20.35 -7.93 -30.89
CA ALA D 95 19.67 -8.35 -29.67
C ALA D 95 20.61 -8.07 -28.51
N TYR D 96 20.10 -7.43 -27.45
CA TYR D 96 20.91 -7.05 -26.28
C TYR D 96 20.06 -6.92 -25.03
N ILE D 97 20.72 -7.00 -23.88
CA ILE D 97 20.10 -6.71 -22.60
C ILE D 97 20.46 -5.29 -22.21
N ARG D 98 19.48 -4.56 -21.70
CA ARG D 98 19.71 -3.20 -21.26
C ARG D 98 19.44 -3.13 -19.78
N LEU D 99 20.48 -2.78 -19.03
CA LEU D 99 20.34 -2.46 -17.62
C LEU D 99 20.36 -0.95 -17.50
N THR D 100 19.39 -0.39 -16.78
CA THR D 100 19.33 1.05 -16.56
C THR D 100 19.31 1.33 -15.09
N GLN D 101 20.34 2.04 -14.65
CA GLN D 101 20.41 2.53 -13.30
C GLN D 101 19.77 3.90 -13.35
N TYR D 102 18.96 4.22 -12.35
CA TYR D 102 18.22 5.48 -12.33
C TYR D 102 17.82 5.79 -10.89
N ILE D 103 17.22 6.96 -10.69
CA ILE D 103 16.78 7.41 -9.37
C ILE D 103 15.26 7.54 -9.33
N ASP D 104 14.65 7.03 -8.26
CA ASP D 104 13.18 6.90 -8.19
C ASP D 104 12.56 8.09 -7.45
N GLY D 105 11.23 8.13 -7.42
CA GLY D 105 10.47 9.17 -6.72
C GLY D 105 10.72 9.22 -5.23
N GLN D 106 10.84 8.06 -4.59
CA GLN D 106 11.08 7.99 -3.15
C GLN D 106 12.49 8.52 -2.81
N GLY D 107 13.28 8.87 -3.84
CA GLY D 107 14.68 9.33 -3.69
C GLY D 107 15.68 8.27 -4.16
N ARG D 108 15.38 7.01 -3.88
CA ARG D 108 16.34 5.88 -3.94
C ARG D 108 16.75 5.50 -5.39
N PRO D 109 17.96 4.91 -5.57
CA PRO D 109 18.40 4.42 -6.88
C PRO D 109 18.01 2.95 -7.12
N ARG D 110 17.64 2.65 -8.36
CA ARG D 110 17.12 1.35 -8.70
C ARG D 110 17.67 0.92 -10.04
N THR D 111 17.49 -0.36 -10.38
CA THR D 111 17.94 -0.91 -11.67
C THR D 111 16.75 -1.53 -12.40
N SER D 112 16.70 -1.43 -13.72
CA SER D 112 15.69 -2.14 -14.49
C SER D 112 16.38 -2.90 -15.62
N GLN D 113 15.91 -4.09 -15.93
CA GLN D 113 16.44 -4.86 -17.05
C GLN D 113 15.37 -4.94 -18.08
N SER D 114 15.80 -4.86 -19.32
CA SER D 114 14.93 -5.18 -20.44
C SER D 114 15.73 -5.86 -21.49
N GLU D 115 15.06 -6.68 -22.28
CA GLU D 115 15.66 -7.43 -23.36
C GLU D 115 15.14 -6.82 -24.65
N GLU D 116 16.06 -6.47 -25.55
CA GLU D 116 15.71 -5.63 -26.65
C GLU D 116 16.22 -6.15 -27.99
N THR D 117 15.34 -6.12 -28.97
CA THR D 117 15.67 -6.44 -30.36
C THR D 117 15.44 -5.20 -31.22
N ARG D 118 16.43 -4.83 -32.02
CA ARG D 118 16.26 -3.77 -33.02
C ARG D 118 16.66 -4.33 -34.38
N VAL D 119 15.81 -4.12 -35.38
CA VAL D 119 16.07 -4.52 -36.74
C VAL D 119 16.42 -3.28 -37.58
N TRP D 120 17.47 -3.39 -38.37
CA TRP D 120 18.08 -2.26 -39.07
C TRP D 120 18.06 -2.44 -40.58
N HIS D 121 17.82 -1.34 -41.28
CA HIS D 121 17.81 -1.33 -42.74
C HIS D 121 18.58 -0.09 -43.20
N ARG D 122 19.60 -0.30 -44.03
CA ARG D 122 20.35 0.82 -44.61
C ARG D 122 19.65 1.29 -45.89
N ARG D 123 19.17 2.54 -45.89
CA ARG D 123 18.55 3.16 -47.07
C ARG D 123 19.31 4.45 -47.40
N ASP D 124 19.77 4.58 -48.64
CA ASP D 124 20.58 5.74 -49.06
C ASP D 124 21.74 6.02 -48.08
N GLY D 125 22.51 4.98 -47.78
CA GLY D 125 23.72 5.12 -46.95
C GLY D 125 23.50 5.37 -45.47
N LYS D 126 22.26 5.45 -45.01
CA LYS D 126 21.97 5.67 -43.61
C LYS D 126 21.22 4.48 -42.99
N TRP D 127 21.72 3.95 -41.86
CA TRP D 127 21.05 2.87 -41.12
C TRP D 127 19.82 3.41 -40.38
N LEU D 128 18.68 2.73 -40.56
CA LEU D 128 17.42 3.13 -39.94
C LEU D 128 16.82 1.96 -39.21
N ASN D 129 16.26 2.23 -38.03
CA ASN D 129 15.58 1.21 -37.22
C ASN D 129 14.14 1.05 -37.72
N VAL D 130 13.82 -0.16 -38.19
CA VAL D 130 12.48 -0.42 -38.76
C VAL D 130 11.55 -1.18 -37.80
N HIS D 131 12.13 -1.92 -36.85
CA HIS D 131 11.36 -2.65 -35.87
C HIS D 131 12.08 -2.72 -34.54
N TYR D 132 11.28 -2.78 -33.47
CA TYR D 132 11.79 -2.76 -32.11
C TYR D 132 10.91 -3.63 -31.24
N HIS D 133 11.51 -4.56 -30.54
CA HIS D 133 10.80 -5.42 -29.62
C HIS D 133 11.52 -5.33 -28.29
N CYS D 134 10.76 -4.92 -27.28
CA CYS D 134 11.28 -4.76 -25.94
C CYS D 134 10.45 -5.57 -24.98
N SER D 135 11.11 -6.36 -24.13
CA SER D 135 10.39 -7.09 -23.08
C SER D 135 11.04 -6.78 -21.73
N GLY D 136 10.23 -6.67 -20.69
CA GLY D 136 10.73 -6.45 -19.31
C GLY D 136 9.66 -5.93 -18.35
N ALA D 137 9.98 -5.90 -17.06
CA ALA D 137 9.06 -5.46 -15.98
C ALA D 137 7.86 -6.40 -15.80
N MET E 2 59.38 -19.33 11.38
CA MET E 2 57.90 -19.15 11.25
C MET E 2 57.21 -20.46 10.83
N THR E 3 56.31 -20.98 11.68
CA THR E 3 55.53 -22.16 11.29
C THR E 3 54.58 -21.73 10.20
N GLU E 4 54.22 -22.69 9.35
CA GLU E 4 53.21 -22.50 8.31
C GLU E 4 51.83 -22.23 8.91
N ASP E 5 51.60 -22.62 10.16
CA ASP E 5 50.33 -22.29 10.80
C ASP E 5 50.23 -20.78 11.07
N GLU E 6 51.29 -20.21 11.65
CA GLU E 6 51.38 -18.76 11.93
C GLU E 6 51.43 -17.95 10.63
N ASP E 7 52.20 -18.46 9.67
CA ASP E 7 52.27 -17.91 8.32
C ASP E 7 50.87 -17.82 7.71
N LEU E 8 50.10 -18.90 7.82
CA LEU E 8 48.77 -18.96 7.20
C LEU E 8 47.85 -17.95 7.89
N LYS E 9 47.90 -17.89 9.23
CA LYS E 9 47.13 -16.91 10.02
C LYS E 9 47.40 -15.48 9.55
N VAL E 10 48.68 -15.12 9.35
CA VAL E 10 49.07 -13.78 8.89
C VAL E 10 48.48 -13.42 7.54
N ARG E 11 48.61 -14.33 6.58
CA ARG E 11 48.06 -14.11 5.25
C ARG E 11 46.56 -13.92 5.35
N LYS E 12 45.90 -14.79 6.10
CA LYS E 12 44.47 -14.70 6.29
C LYS E 12 44.10 -13.32 6.83
N GLN E 13 44.85 -12.85 7.82
CA GLN E 13 44.58 -11.52 8.38
C GLN E 13 44.82 -10.41 7.35
N GLU E 14 45.81 -10.61 6.50
CA GLU E 14 46.13 -9.66 5.42
C GLU E 14 44.90 -9.40 4.55
N ILE E 15 44.18 -10.49 4.22
CA ILE E 15 42.98 -10.44 3.36
C ILE E 15 41.79 -9.82 4.09
N ILE E 16 41.69 -10.07 5.39
CA ILE E 16 40.63 -9.47 6.18
C ILE E 16 40.84 -7.97 6.22
N LYS E 17 42.06 -7.54 6.53
CA LYS E 17 42.31 -6.09 6.62
C LYS E 17 41.94 -5.39 5.30
N ILE E 18 42.38 -5.93 4.16
CA ILE E 18 42.13 -5.25 2.89
C ILE E 18 40.65 -5.30 2.50
N THR E 19 39.97 -6.40 2.79
CA THR E 19 38.51 -6.48 2.59
C THR E 19 37.81 -5.40 3.43
N GLU E 20 38.22 -5.25 4.69
CA GLU E 20 37.66 -4.22 5.56
C GLU E 20 37.92 -2.80 5.03
N GLN E 21 39.10 -2.56 4.48
CA GLN E 21 39.42 -1.25 3.93
C GLN E 21 38.57 -0.96 2.72
N LEU E 22 38.36 -1.99 1.89
CA LEU E 22 37.51 -1.83 0.74
C LEU E 22 36.12 -1.37 1.16
N ILE E 23 35.59 -2.00 2.21
CA ILE E 23 34.25 -1.73 2.71
C ILE E 23 34.19 -0.30 3.27
N GLU E 24 35.27 0.13 3.91
CA GLU E 24 35.35 1.49 4.40
C GLU E 24 35.28 2.49 3.25
N ALA E 25 36.02 2.21 2.17
CA ALA E 25 36.04 3.09 0.99
C ALA E 25 34.65 3.21 0.35
N ILE E 26 33.92 2.08 0.32
CA ILE E 26 32.53 2.06 -0.17
C ILE E 26 31.60 2.93 0.72
N ASN E 27 31.67 2.71 2.04
CA ASN E 27 30.84 3.43 2.99
C ASN E 27 31.09 4.93 2.95
N ASN E 28 32.36 5.33 2.82
CA ASN E 28 32.72 6.76 2.75
C ASN E 28 32.47 7.37 1.39
N GLY E 29 32.23 6.54 0.38
CA GLY E 29 32.08 7.00 -0.99
C GLY E 29 33.38 7.46 -1.63
N ASP E 30 34.49 6.86 -1.24
CA ASP E 30 35.80 7.19 -1.79
C ASP E 30 36.08 6.31 -3.00
N PHE E 31 35.82 6.86 -4.18
CA PHE E 31 35.93 6.09 -5.41
C PHE E 31 37.40 5.91 -5.84
N GLU E 32 38.25 6.86 -5.45
CA GLU E 32 39.66 6.81 -5.78
C GLU E 32 40.32 5.68 -4.98
N ALA E 33 39.95 5.56 -3.71
CA ALA E 33 40.36 4.46 -2.85
C ALA E 33 39.83 3.15 -3.40
N TYR E 34 38.57 3.19 -3.82
CA TYR E 34 37.91 2.04 -4.41
C TYR E 34 38.64 1.54 -5.65
N THR E 35 38.92 2.41 -6.60
CA THR E 35 39.58 2.02 -7.84
C THR E 35 41.02 1.49 -7.60
N LYS E 36 41.64 1.99 -6.54
CA LYS E 36 43.01 1.60 -6.15
C LYS E 36 43.04 0.14 -5.65
N ILE E 37 41.94 -0.28 -5.00
CA ILE E 37 41.83 -1.63 -4.39
C ILE E 37 41.23 -2.65 -5.36
N CYS E 38 40.51 -2.18 -6.37
CA CYS E 38 39.85 -3.08 -7.30
C CYS E 38 40.63 -3.20 -8.58
N ASP E 39 40.70 -4.41 -9.09
CA ASP E 39 41.28 -4.65 -10.40
C ASP E 39 40.39 -3.98 -11.43
N PRO E 40 40.98 -3.37 -12.47
CA PRO E 40 40.15 -2.72 -13.49
C PRO E 40 39.22 -3.69 -14.21
N GLY E 41 39.58 -4.98 -14.23
CA GLY E 41 38.75 -6.04 -14.80
C GLY E 41 37.78 -6.71 -13.84
N LEU E 42 37.52 -6.08 -12.70
CA LEU E 42 36.60 -6.61 -11.68
C LEU E 42 35.27 -6.98 -12.32
N THR E 43 34.83 -8.21 -12.07
CA THR E 43 33.52 -8.67 -12.46
C THR E 43 32.66 -8.81 -11.20
N SER E 44 31.34 -8.62 -11.33
CA SER E 44 30.45 -8.70 -10.18
C SER E 44 29.12 -9.34 -10.47
N PHE E 45 28.72 -10.26 -9.59
CA PHE E 45 27.33 -10.68 -9.42
C PHE E 45 26.79 -9.98 -8.17
N GLU E 46 25.68 -9.27 -8.31
CA GLU E 46 25.08 -8.59 -7.18
C GLU E 46 23.64 -8.20 -7.49
N PRO E 47 22.79 -8.07 -6.43
CA PRO E 47 21.34 -7.83 -6.59
C PRO E 47 20.96 -6.71 -7.52
N GLU E 48 21.74 -5.64 -7.51
CA GLU E 48 21.46 -4.49 -8.37
C GLU E 48 21.75 -4.76 -9.85
N ALA E 49 22.52 -5.82 -10.13
CA ALA E 49 22.84 -6.20 -11.50
C ALA E 49 21.79 -7.19 -12.06
N LEU E 50 20.78 -7.55 -11.25
CA LEU E 50 19.60 -8.31 -11.73
C LEU E 50 19.90 -9.66 -12.40
N GLY E 51 20.85 -10.38 -11.83
CA GLY E 51 21.20 -11.72 -12.34
C GLY E 51 22.25 -11.75 -13.42
N ASN E 52 22.74 -10.59 -13.82
CA ASN E 52 23.78 -10.50 -14.81
C ASN E 52 25.13 -10.28 -14.16
N LEU E 53 26.19 -10.65 -14.89
CA LEU E 53 27.57 -10.37 -14.52
C LEU E 53 27.97 -9.06 -15.18
N VAL E 54 28.42 -8.11 -14.37
CA VAL E 54 28.76 -6.78 -14.84
C VAL E 54 30.24 -6.51 -14.65
N GLU E 55 30.81 -5.66 -15.51
CA GLU E 55 32.15 -5.12 -15.25
C GLU E 55 31.97 -4.08 -14.13
N GLY E 56 32.36 -4.46 -12.90
CA GLY E 56 32.11 -3.70 -11.66
C GLY E 56 32.55 -2.25 -11.62
N MET E 57 33.59 -1.86 -12.37
CA MET E 57 34.12 -0.48 -12.31
C MET E 57 33.22 0.56 -12.96
N ASP E 58 32.61 0.19 -14.09
CA ASP E 58 31.62 1.05 -14.77
C ASP E 58 30.28 1.07 -13.99
N PHE E 59 29.84 -0.11 -13.58
CA PHE E 59 28.52 -0.28 -12.96
C PHE E 59 28.44 0.36 -11.57
N HIS E 60 29.57 0.40 -10.87
CA HIS E 60 29.62 0.95 -9.53
C HIS E 60 29.78 2.47 -9.52
N LYS E 61 30.26 3.06 -10.63
CA LYS E 61 30.42 4.52 -10.67
C LYS E 61 29.11 5.22 -10.27
N PHE E 62 27.98 4.64 -10.66
CA PHE E 62 26.68 5.26 -10.44
C PHE E 62 26.35 5.46 -8.97
N TYR E 63 26.73 4.48 -8.16
CA TYR E 63 26.42 4.46 -6.73
C TYR E 63 27.30 5.43 -5.96
N PHE E 64 28.50 5.68 -6.47
CA PHE E 64 29.39 6.66 -5.87
C PHE E 64 28.97 8.09 -6.26
N GLU E 65 28.70 8.33 -7.54
CA GLU E 65 28.27 9.65 -8.01
C GLU E 65 26.94 10.09 -7.37
N ASN E 66 26.04 9.14 -7.12
CA ASN E 66 24.65 9.46 -6.77
C ASN E 66 24.15 9.02 -5.42
N LEU E 67 25.02 8.53 -4.55
CA LEU E 67 24.54 8.01 -3.29
C LEU E 67 25.59 8.02 -2.18
N LEU E 68 26.63 7.19 -2.35
CA LEU E 68 27.58 6.91 -1.27
C LEU E 68 28.42 8.13 -0.83
N SER E 69 28.93 8.94 -1.76
CA SER E 69 29.62 10.17 -1.35
C SER E 69 28.62 11.19 -0.79
N LYS E 70 27.42 11.22 -1.35
CA LYS E 70 26.37 12.19 -0.98
C LYS E 70 25.85 12.03 0.46
N ASN E 71 25.96 10.82 1.02
CA ASN E 71 25.35 10.53 2.33
C ASN E 71 26.24 10.90 3.52
N SER E 72 25.60 11.49 4.54
CA SER E 72 26.17 11.61 5.88
C SER E 72 25.32 10.89 6.94
N LYS E 73 24.30 10.12 6.49
CA LYS E 73 23.46 9.33 7.40
C LYS E 73 24.29 8.17 7.95
N PRO E 74 24.16 7.90 9.27
CA PRO E 74 25.01 6.86 9.88
C PRO E 74 24.74 5.44 9.37
N ILE E 75 25.80 4.65 9.28
CA ILE E 75 25.68 3.25 8.97
C ILE E 75 26.82 2.45 9.65
N HIS E 76 26.45 1.37 10.35
CA HIS E 76 27.42 0.48 10.99
C HIS E 76 27.40 -0.86 10.27
N THR E 77 28.55 -1.24 9.74
CA THR E 77 28.75 -2.53 9.10
C THR E 77 29.36 -3.53 10.07
N THR E 78 28.81 -4.74 10.09
CA THR E 78 29.34 -5.83 10.89
C THR E 78 29.69 -6.97 9.94
N ILE E 79 30.89 -7.51 10.08
CA ILE E 79 31.30 -8.64 9.28
C ILE E 79 31.27 -9.86 10.16
N LEU E 80 30.46 -10.83 9.80
CA LEU E 80 30.29 -12.01 10.64
C LEU E 80 30.90 -13.22 10.01
N ASN E 81 31.63 -13.96 10.84
CA ASN E 81 32.12 -15.31 10.51
C ASN E 81 32.85 -15.39 9.17
N PRO E 82 33.86 -14.52 8.99
CA PRO E 82 34.59 -14.53 7.74
C PRO E 82 35.38 -15.85 7.62
N HIS E 83 35.62 -16.26 6.38
CA HIS E 83 36.40 -17.42 6.11
C HIS E 83 37.29 -17.07 4.93
N VAL E 84 38.60 -17.27 5.09
CA VAL E 84 39.58 -16.99 4.04
C VAL E 84 40.28 -18.28 3.56
N HIS E 85 40.29 -18.45 2.25
CA HIS E 85 40.99 -19.53 1.57
C HIS E 85 42.24 -18.90 0.97
N VAL E 86 43.41 -19.34 1.41
CA VAL E 86 44.65 -18.91 0.79
C VAL E 86 45.00 -19.87 -0.33
N ILE E 87 45.07 -19.37 -1.56
CA ILE E 87 45.22 -20.21 -2.75
C ILE E 87 46.58 -19.96 -3.42
N GLY E 88 47.64 -20.12 -2.65
CA GLY E 88 48.99 -19.87 -3.13
C GLY E 88 49.46 -18.47 -2.77
N GLU E 89 50.71 -18.17 -3.12
CA GLU E 89 51.37 -16.92 -2.71
C GLU E 89 50.58 -15.65 -3.05
N ASP E 90 49.93 -15.65 -4.21
CA ASP E 90 49.39 -14.42 -4.81
C ASP E 90 47.87 -14.42 -5.03
N ALA E 91 47.18 -15.42 -4.47
CA ALA E 91 45.74 -15.54 -4.65
C ALA E 91 45.06 -15.90 -3.34
N ALA E 92 43.90 -15.28 -3.10
CA ALA E 92 43.11 -15.56 -1.92
C ALA E 92 41.65 -15.32 -2.20
N CYS E 93 40.82 -15.70 -1.23
CA CYS E 93 39.39 -15.66 -1.40
C CYS E 93 38.72 -15.54 -0.05
N ILE E 94 37.84 -14.56 0.11
CA ILE E 94 37.14 -14.35 1.38
C ILE E 94 35.63 -14.44 1.20
N ALA E 95 35.00 -15.20 2.09
CA ALA E 95 33.52 -15.31 2.18
C ALA E 95 33.09 -14.82 3.57
N TYR E 96 32.13 -13.92 3.60
CA TYR E 96 31.68 -13.34 4.86
C TYR E 96 30.23 -12.90 4.77
N ILE E 97 29.58 -12.79 5.94
CA ILE E 97 28.25 -12.21 6.07
C ILE E 97 28.39 -10.74 6.49
N ARG E 98 27.64 -9.88 5.83
CA ARG E 98 27.65 -8.45 6.12
C ARG E 98 26.28 -8.03 6.64
N LEU E 99 26.26 -7.61 7.91
CA LEU E 99 25.09 -6.95 8.46
C LEU E 99 25.36 -5.45 8.39
N THR E 100 24.38 -4.71 7.88
CA THR E 100 24.47 -3.26 7.80
C THR E 100 23.30 -2.65 8.53
N GLN E 101 23.61 -1.92 9.60
CA GLN E 101 22.63 -1.13 10.30
C GLN E 101 22.62 0.25 9.65
N TYR E 102 21.44 0.81 9.43
CA TYR E 102 21.31 2.08 8.73
C TYR E 102 19.99 2.70 9.10
N ILE E 103 19.76 3.93 8.61
CA ILE E 103 18.52 4.66 8.86
C ILE E 103 17.75 4.83 7.55
N ASP E 104 16.44 4.59 7.60
CA ASP E 104 15.63 4.58 6.37
C ASP E 104 15.04 5.96 6.10
N GLY E 105 14.66 6.19 4.83
CA GLY E 105 14.13 7.50 4.39
C GLY E 105 13.11 8.07 5.34
N GLN E 106 12.21 7.22 5.84
CA GLN E 106 11.19 7.60 6.82
C GLN E 106 11.73 7.74 8.26
N GLY E 107 13.05 7.69 8.44
CA GLY E 107 13.67 7.90 9.76
C GLY E 107 14.04 6.67 10.57
N ARG E 108 13.26 5.57 10.46
CA ARG E 108 13.47 4.35 11.27
C ARG E 108 14.83 3.69 10.99
N PRO E 109 15.44 3.01 11.99
CA PRO E 109 16.65 2.22 11.75
C PRO E 109 16.33 0.78 11.39
N ARG E 110 17.12 0.23 10.48
CA ARG E 110 16.87 -1.08 9.93
C ARG E 110 18.19 -1.81 9.75
N THR E 111 18.11 -3.12 9.51
CA THR E 111 19.29 -3.95 9.27
C THR E 111 19.10 -4.68 7.97
N SER E 112 20.19 -4.91 7.24
CA SER E 112 20.13 -5.78 6.08
C SER E 112 21.30 -6.76 6.13
N GLN E 113 21.05 -7.98 5.66
CA GLN E 113 22.08 -9.00 5.62
C GLN E 113 22.38 -9.26 4.16
N SER E 114 23.66 -9.44 3.88
CA SER E 114 24.05 -9.95 2.58
C SER E 114 25.25 -10.88 2.75
N GLU E 115 25.34 -11.86 1.85
CA GLU E 115 26.40 -12.85 1.89
C GLU E 115 27.35 -12.54 0.75
N GLU E 116 28.65 -12.43 1.06
CA GLU E 116 29.57 -11.86 0.10
C GLU E 116 30.83 -12.68 -0.08
N THR E 117 31.20 -12.83 -1.36
CA THR E 117 32.47 -13.44 -1.76
C THR E 117 33.32 -12.42 -2.49
N ARG E 118 34.59 -12.32 -2.11
CA ARG E 118 35.56 -11.51 -2.83
C ARG E 118 36.79 -12.34 -3.13
N VAL E 119 37.20 -12.32 -4.39
CA VAL E 119 38.39 -13.00 -4.83
C VAL E 119 39.49 -11.98 -5.03
N TRP E 120 40.68 -12.33 -4.53
CA TRP E 120 41.82 -11.40 -4.43
C TRP E 120 43.06 -11.89 -5.18
N HIS E 121 43.74 -10.96 -5.85
CA HIS E 121 44.95 -11.25 -6.62
C HIS E 121 45.99 -10.19 -6.27
N ARG E 122 47.16 -10.63 -5.81
CA ARG E 122 48.26 -9.71 -5.56
C ARG E 122 49.10 -9.54 -6.82
N ARG E 123 49.12 -8.31 -7.34
CA ARG E 123 49.92 -7.96 -8.51
C ARG E 123 50.81 -6.80 -8.11
N ASP E 124 52.09 -6.94 -8.38
CA ASP E 124 53.06 -5.90 -8.03
C ASP E 124 52.88 -5.48 -6.57
N GLY E 125 52.86 -6.46 -5.67
CA GLY E 125 52.85 -6.17 -4.23
C GLY E 125 51.55 -5.61 -3.65
N LYS E 126 50.55 -5.35 -4.49
CA LYS E 126 49.27 -4.84 -3.98
C LYS E 126 48.13 -5.83 -4.24
N TRP E 127 47.34 -6.11 -3.20
CA TRP E 127 46.14 -6.96 -3.32
C TRP E 127 44.99 -6.23 -4.03
N LEU E 128 44.45 -6.87 -5.07
CA LEU E 128 43.40 -6.27 -5.88
C LEU E 128 42.23 -7.23 -5.99
N ASN E 129 41.00 -6.70 -5.88
CA ASN E 129 39.77 -7.50 -5.94
C ASN E 129 39.39 -7.73 -7.40
N VAL E 130 39.37 -8.99 -7.83
CA VAL E 130 39.06 -9.30 -9.24
C VAL E 130 37.63 -9.80 -9.46
N HIS E 131 37.00 -10.34 -8.43
CA HIS E 131 35.63 -10.81 -8.54
C HIS E 131 34.87 -10.57 -7.25
N TYR E 132 33.57 -10.37 -7.38
CA TYR E 132 32.71 -10.08 -6.25
C TYR E 132 31.34 -10.67 -6.50
N HIS E 133 30.87 -11.46 -5.53
CA HIS E 133 29.55 -12.09 -5.58
C HIS E 133 28.83 -11.70 -4.30
N CYS E 134 27.69 -11.07 -4.48
CA CYS E 134 26.89 -10.63 -3.36
C CYS E 134 25.46 -11.17 -3.52
N SER E 135 24.94 -11.77 -2.47
CA SER E 135 23.54 -12.18 -2.48
C SER E 135 22.83 -11.63 -1.25
N GLY E 136 21.56 -11.26 -1.42
CA GLY E 136 20.78 -10.71 -0.30
C GLY E 136 19.45 -10.10 -0.75
N THR F 3 13.45 -21.06 55.25
CA THR F 3 14.74 -20.33 55.03
C THR F 3 15.49 -20.81 53.78
N GLU F 4 15.08 -21.96 53.25
CA GLU F 4 15.66 -22.52 52.02
C GLU F 4 14.85 -21.97 50.86
N ASP F 5 13.52 -22.07 51.01
CA ASP F 5 12.52 -21.55 50.07
C ASP F 5 12.56 -20.01 50.00
N GLU F 6 12.70 -19.38 51.16
CA GLU F 6 12.78 -17.91 51.28
C GLU F 6 14.07 -17.38 50.62
N ASP F 7 15.15 -18.14 50.79
CA ASP F 7 16.43 -17.88 50.09
C ASP F 7 16.23 -17.83 48.57
N LEU F 8 15.54 -18.85 48.05
CA LEU F 8 15.31 -18.97 46.62
C LEU F 8 14.49 -17.79 46.11
N LYS F 9 13.42 -17.46 46.85
CA LYS F 9 12.56 -16.31 46.55
C LYS F 9 13.39 -15.03 46.37
N VAL F 10 14.27 -14.77 47.33
CA VAL F 10 15.12 -13.56 47.32
C VAL F 10 16.01 -13.48 46.09
N ARG F 11 16.71 -14.57 45.79
CA ARG F 11 17.61 -14.57 44.63
C ARG F 11 16.79 -14.35 43.36
N LYS F 12 15.64 -15.02 43.26
CA LYS F 12 14.76 -14.84 42.14
C LYS F 12 14.37 -13.37 41.99
N GLN F 13 13.99 -12.72 43.10
CA GLN F 13 13.63 -11.30 43.01
C GLN F 13 14.85 -10.45 42.63
N GLU F 14 16.04 -10.87 43.07
CA GLU F 14 17.27 -10.16 42.72
C GLU F 14 17.42 -10.08 41.19
N ILE F 15 17.12 -11.18 40.50
CA ILE F 15 17.26 -11.28 39.04
C ILE F 15 16.17 -10.48 38.32
N ILE F 16 14.97 -10.42 38.93
CA ILE F 16 13.91 -9.62 38.33
C ILE F 16 14.28 -8.15 38.44
N LYS F 17 14.75 -7.72 39.62
CA LYS F 17 15.07 -6.31 39.78
C LYS F 17 16.11 -5.89 38.74
N ILE F 18 17.18 -6.67 38.58
CA ILE F 18 18.23 -6.23 37.67
C ILE F 18 17.78 -6.29 36.20
N THR F 19 16.98 -7.29 35.85
CA THR F 19 16.39 -7.33 34.51
C THR F 19 15.56 -6.07 34.27
N GLU F 20 14.78 -5.69 35.26
CA GLU F 20 13.95 -4.47 35.19
C GLU F 20 14.79 -3.20 35.03
N GLN F 21 15.92 -3.15 35.72
CA GLN F 21 16.82 -2.01 35.61
C GLN F 21 17.43 -1.92 34.23
N LEU F 22 17.79 -3.09 33.68
CA LEU F 22 18.33 -3.18 32.33
C LEU F 22 17.36 -2.58 31.33
N ILE F 23 16.09 -2.96 31.47
CA ILE F 23 15.05 -2.49 30.55
C ILE F 23 14.85 -1.00 30.71
N GLU F 24 14.93 -0.48 31.95
CA GLU F 24 14.83 0.97 32.19
C GLU F 24 15.95 1.70 31.45
N ALA F 25 17.17 1.16 31.54
CA ALA F 25 18.34 1.73 30.88
C ALA F 25 18.14 1.81 29.36
N ILE F 26 17.60 0.74 28.79
CA ILE F 26 17.33 0.68 27.36
C ILE F 26 16.27 1.75 26.97
N ASN F 27 15.19 1.79 27.72
CA ASN F 27 14.11 2.72 27.44
C ASN F 27 14.55 4.18 27.54
N ASN F 28 15.41 4.47 28.51
CA ASN F 28 15.93 5.83 28.67
C ASN F 28 17.07 6.15 27.73
N GLY F 29 17.61 5.13 27.06
CA GLY F 29 18.76 5.31 26.16
C GLY F 29 20.06 5.58 26.90
N ASP F 30 20.19 5.03 28.10
CA ASP F 30 21.37 5.20 28.94
C ASP F 30 22.35 4.09 28.60
N PHE F 31 23.31 4.38 27.73
CA PHE F 31 24.24 3.35 27.26
C PHE F 31 25.31 3.02 28.30
N GLU F 32 25.61 3.98 29.16
CA GLU F 32 26.61 3.80 30.20
C GLU F 32 26.04 2.84 31.26
N ALA F 33 24.78 3.05 31.62
CA ALA F 33 24.07 2.14 32.51
C ALA F 33 24.00 0.77 31.87
N TYR F 34 23.69 0.75 30.58
CA TYR F 34 23.59 -0.48 29.80
C TYR F 34 24.92 -1.25 29.84
N THR F 35 26.02 -0.57 29.52
CA THR F 35 27.32 -1.27 29.46
C THR F 35 27.76 -1.75 30.86
N LYS F 36 27.32 -1.07 31.91
CA LYS F 36 27.65 -1.48 33.29
C LYS F 36 26.91 -2.78 33.70
N ILE F 37 25.72 -3.01 33.13
CA ILE F 37 24.91 -4.20 33.46
C ILE F 37 25.15 -5.38 32.50
N CYS F 38 25.71 -5.10 31.33
CA CYS F 38 25.99 -6.13 30.35
C CYS F 38 27.45 -6.55 30.39
N ASP F 39 27.66 -7.86 30.28
CA ASP F 39 29.01 -8.39 30.12
C ASP F 39 29.55 -7.92 28.78
N PRO F 40 30.82 -7.50 28.74
CA PRO F 40 31.41 -7.09 27.46
C PRO F 40 31.37 -8.16 26.36
N GLY F 41 31.29 -9.44 26.73
CA GLY F 41 31.14 -10.54 25.78
C GLY F 41 29.71 -10.99 25.50
N LEU F 42 28.74 -10.12 25.84
CA LEU F 42 27.32 -10.43 25.62
C LEU F 42 27.08 -10.83 24.17
N THR F 43 26.39 -11.95 23.99
CA THR F 43 25.95 -12.41 22.69
C THR F 43 24.44 -12.25 22.62
N SER F 44 23.91 -12.06 21.42
CA SER F 44 22.49 -11.84 21.26
C SER F 44 21.92 -12.51 20.01
N PHE F 45 20.79 -13.19 20.21
CA PHE F 45 19.86 -13.52 19.12
C PHE F 45 18.70 -12.55 19.26
N GLU F 46 18.36 -11.87 18.16
CA GLU F 46 17.23 -10.95 18.15
C GLU F 46 16.81 -10.57 16.73
N PRO F 47 15.55 -10.15 16.58
CA PRO F 47 14.96 -9.89 15.26
C PRO F 47 15.77 -8.96 14.34
N GLU F 48 16.39 -7.94 14.93
CA GLU F 48 17.18 -7.00 14.14
C GLU F 48 18.51 -7.57 13.68
N ALA F 49 18.93 -8.70 14.27
CA ALA F 49 20.15 -9.40 13.87
C ALA F 49 19.88 -10.42 12.73
N LEU F 50 18.62 -10.57 12.32
CA LEU F 50 18.30 -11.37 11.13
C LEU F 50 18.81 -12.83 11.18
N GLY F 51 18.62 -13.47 12.33
CA GLY F 51 18.93 -14.88 12.48
C GLY F 51 20.37 -15.19 12.81
N ASN F 52 21.17 -14.14 12.93
CA ASN F 52 22.55 -14.27 13.30
C ASN F 52 22.76 -13.99 14.81
N LEU F 53 23.83 -14.59 15.35
CA LEU F 53 24.27 -14.29 16.70
C LEU F 53 25.29 -13.19 16.61
N VAL F 54 25.05 -12.10 17.34
CA VAL F 54 25.90 -10.91 17.30
C VAL F 54 26.53 -10.66 18.66
N GLU F 55 27.72 -10.05 18.67
CA GLU F 55 28.24 -9.51 19.94
C GLU F 55 27.47 -8.23 20.23
N GLY F 56 26.56 -8.37 21.21
CA GLY F 56 25.56 -7.34 21.54
C GLY F 56 26.04 -5.92 21.83
N MET F 57 27.27 -5.75 22.31
CA MET F 57 27.73 -4.40 22.72
C MET F 57 28.03 -3.49 21.52
N ASP F 58 28.58 -4.05 20.45
CA ASP F 58 28.82 -3.29 19.21
C ASP F 58 27.51 -3.08 18.44
N PHE F 59 26.72 -4.15 18.35
CA PHE F 59 25.50 -4.13 17.56
C PHE F 59 24.44 -3.20 18.14
N HIS F 60 24.40 -3.09 19.47
CA HIS F 60 23.43 -2.27 20.15
C HIS F 60 23.77 -0.79 20.17
N LYS F 61 25.05 -0.46 19.98
CA LYS F 61 25.47 0.94 20.01
C LYS F 61 24.58 1.77 19.05
N PHE F 62 24.23 1.18 17.91
CA PHE F 62 23.54 1.92 16.85
C PHE F 62 22.17 2.41 17.31
N TYR F 63 21.50 1.59 18.10
CA TYR F 63 20.15 1.90 18.54
C TYR F 63 20.17 2.97 19.64
N PHE F 64 21.27 3.05 20.38
CA PHE F 64 21.46 4.09 21.37
C PHE F 64 21.81 5.41 20.70
N GLU F 65 22.77 5.37 19.79
CA GLU F 65 23.19 6.58 19.06
C GLU F 65 22.06 7.21 18.24
N ASN F 66 21.17 6.38 17.70
CA ASN F 66 20.25 6.86 16.67
C ASN F 66 18.75 6.69 16.97
N LEU F 67 18.38 6.35 18.20
CA LEU F 67 16.96 6.11 18.47
C LEU F 67 16.57 6.33 19.92
N LEU F 68 17.10 5.47 20.78
CA LEU F 68 16.64 5.36 22.17
C LEU F 68 16.93 6.64 22.98
N SER F 69 18.06 7.30 22.73
CA SER F 69 18.38 8.58 23.41
C SER F 69 17.68 9.85 22.82
N LYS F 70 17.50 9.89 21.49
CA LYS F 70 16.86 11.03 20.80
C LYS F 70 15.31 11.00 20.79
N ASN F 71 14.70 10.15 21.63
CA ASN F 71 13.23 9.90 21.66
C ASN F 71 12.50 10.47 22.90
N SER F 72 11.56 11.39 22.67
CA SER F 72 10.70 11.95 23.72
C SER F 72 9.31 11.25 23.80
N LYS F 73 9.09 10.25 22.96
CA LYS F 73 7.76 9.65 22.83
C LYS F 73 7.52 8.61 23.92
N PRO F 74 6.31 8.63 24.53
CA PRO F 74 6.01 7.74 25.65
C PRO F 74 6.00 6.26 25.27
N ILE F 75 6.45 5.41 26.20
CA ILE F 75 6.35 3.97 26.06
C ILE F 75 6.19 3.33 27.43
N HIS F 76 5.23 2.41 27.52
CA HIS F 76 5.01 1.63 28.74
C HIS F 76 5.36 0.17 28.49
N THR F 77 6.32 -0.35 29.24
CA THR F 77 6.69 -1.75 29.20
C THR F 77 5.97 -2.52 30.28
N THR F 78 5.43 -3.68 29.93
CA THR F 78 4.80 -4.58 30.89
C THR F 78 5.53 -5.91 30.80
N ILE F 79 5.96 -6.45 31.94
CA ILE F 79 6.65 -7.73 31.98
C ILE F 79 5.68 -8.79 32.49
N LEU F 80 5.37 -9.77 31.66
CA LEU F 80 4.36 -10.74 32.00
C LEU F 80 4.98 -12.10 32.33
N ASN F 81 4.49 -12.68 33.43
CA ASN F 81 4.75 -14.08 33.75
C ASN F 81 6.23 -14.45 33.71
N PRO F 82 7.05 -13.64 34.39
CA PRO F 82 8.46 -13.97 34.44
C PRO F 82 8.69 -15.28 35.15
N HIS F 83 9.75 -15.96 34.76
CA HIS F 83 10.17 -17.21 35.39
C HIS F 83 11.69 -17.17 35.50
N VAL F 84 12.20 -17.40 36.72
CA VAL F 84 13.63 -17.39 36.99
C VAL F 84 14.13 -18.77 37.39
N HIS F 85 15.20 -19.21 36.73
CA HIS F 85 15.90 -20.43 37.09
C HIS F 85 17.18 -20.00 37.80
N VAL F 86 17.32 -20.36 39.06
CA VAL F 86 18.55 -20.11 39.80
C VAL F 86 19.49 -21.31 39.56
N ILE F 87 20.65 -21.05 38.95
CA ILE F 87 21.57 -22.11 38.51
C ILE F 87 22.88 -22.09 39.32
N GLY F 88 22.75 -22.11 40.65
CA GLY F 88 23.91 -22.00 41.53
C GLY F 88 24.09 -20.59 42.01
N GLU F 89 25.07 -20.41 42.89
CA GLU F 89 25.29 -19.14 43.60
C GLU F 89 25.46 -17.94 42.64
N ASP F 90 26.11 -18.18 41.49
CA ASP F 90 26.60 -17.11 40.61
C ASP F 90 25.97 -17.07 39.22
N ALA F 91 24.98 -17.92 38.98
CA ALA F 91 24.34 -18.00 37.66
C ALA F 91 22.84 -18.04 37.80
N ALA F 92 22.15 -17.37 36.88
CA ALA F 92 20.69 -17.42 36.83
C ALA F 92 20.23 -17.21 35.41
N CYS F 93 18.92 -17.30 35.24
CA CYS F 93 18.35 -17.20 33.93
C CYS F 93 16.88 -16.79 34.03
N ILE F 94 16.50 -15.77 33.27
CA ILE F 94 15.14 -15.25 33.30
C ILE F 94 14.48 -15.32 31.92
N ALA F 95 13.24 -15.83 31.91
CA ALA F 95 12.40 -15.88 30.71
C ALA F 95 11.14 -15.07 31.03
N TYR F 96 10.78 -14.15 30.14
CA TYR F 96 9.59 -13.30 30.34
C TYR F 96 9.00 -12.86 29.00
N ILE F 97 7.72 -12.45 29.05
CA ILE F 97 7.03 -11.81 27.95
C ILE F 97 7.07 -10.30 28.17
N ARG F 98 7.40 -9.56 27.12
CA ARG F 98 7.44 -8.10 27.19
C ARG F 98 6.44 -7.52 26.22
N LEU F 99 5.46 -6.83 26.79
CA LEU F 99 4.52 -6.02 26.06
C LEU F 99 4.99 -4.59 26.14
N THR F 100 5.06 -3.95 24.98
CA THR F 100 5.43 -2.55 24.89
C THR F 100 4.32 -1.77 24.20
N GLN F 101 3.75 -0.85 24.96
CA GLN F 101 2.83 0.12 24.42
C GLN F 101 3.66 1.32 23.97
N TYR F 102 3.33 1.84 22.81
CA TYR F 102 4.08 2.93 22.23
C TYR F 102 3.20 3.69 21.24
N ILE F 103 3.73 4.80 20.72
CA ILE F 103 3.01 5.59 19.73
C ILE F 103 3.77 5.57 18.42
N ASP F 104 3.02 5.39 17.33
CA ASP F 104 3.61 5.12 16.02
C ASP F 104 3.72 6.37 15.17
N GLY F 105 4.26 6.19 13.97
CA GLY F 105 4.44 7.28 13.02
C GLY F 105 3.18 8.07 12.77
N GLN F 106 2.10 7.40 12.35
CA GLN F 106 0.85 8.06 11.92
C GLN F 106 -0.10 8.41 13.08
N GLY F 107 0.49 8.80 14.22
CA GLY F 107 -0.24 9.25 15.40
C GLY F 107 -0.58 8.16 16.40
N ARG F 108 -0.95 6.98 15.92
CA ARG F 108 -1.70 6.02 16.76
C ARG F 108 -0.86 5.20 17.74
N PRO F 109 -1.50 4.69 18.81
CA PRO F 109 -0.82 3.87 19.81
C PRO F 109 -0.95 2.39 19.48
N ARG F 110 0.11 1.64 19.76
CA ARG F 110 0.18 0.26 19.38
C ARG F 110 0.84 -0.53 20.46
N THR F 111 0.75 -1.85 20.36
CA THR F 111 1.40 -2.76 21.27
C THR F 111 2.29 -3.72 20.47
N SER F 112 3.41 -4.13 21.06
CA SER F 112 4.17 -5.23 20.47
C SER F 112 4.49 -6.22 21.59
N GLN F 113 4.50 -7.51 21.25
CA GLN F 113 4.90 -8.54 22.19
C GLN F 113 6.21 -9.10 21.71
N SER F 114 7.08 -9.38 22.68
CA SER F 114 8.26 -10.18 22.39
C SER F 114 8.51 -11.12 23.57
N GLU F 115 9.14 -12.26 23.28
CA GLU F 115 9.49 -13.24 24.33
C GLU F 115 10.99 -13.18 24.48
N GLU F 116 11.42 -13.08 25.73
CA GLU F 116 12.80 -12.74 26.01
C GLU F 116 13.46 -13.64 27.04
N THR F 117 14.68 -14.06 26.73
CA THR F 117 15.51 -14.82 27.65
C THR F 117 16.75 -13.99 27.93
N ARG F 118 17.09 -13.84 29.20
CA ARG F 118 18.37 -13.24 29.57
C ARG F 118 19.09 -14.17 30.55
N VAL F 119 20.37 -14.45 30.27
CA VAL F 119 21.21 -15.27 31.12
C VAL F 119 22.18 -14.37 31.89
N TRP F 120 22.27 -14.62 33.20
CA TRP F 120 22.99 -13.75 34.12
C TRP F 120 24.16 -14.45 34.80
N HIS F 121 25.24 -13.70 34.99
CA HIS F 121 26.44 -14.21 35.66
C HIS F 121 26.93 -13.16 36.64
N ARG F 122 27.05 -13.54 37.91
CA ARG F 122 27.60 -12.64 38.92
C ARG F 122 29.12 -12.73 38.93
N ARG F 123 29.79 -11.63 38.60
CA ARG F 123 31.24 -11.55 38.65
C ARG F 123 31.63 -10.38 39.55
N ASP F 124 32.47 -10.64 40.55
CA ASP F 124 32.89 -9.63 41.55
C ASP F 124 31.68 -8.87 42.11
N GLY F 125 30.69 -9.63 42.59
CA GLY F 125 29.52 -9.08 43.27
C GLY F 125 28.47 -8.37 42.42
N LYS F 126 28.70 -8.24 41.11
CA LYS F 126 27.75 -7.56 40.23
C LYS F 126 27.18 -8.52 39.21
N TRP F 127 25.86 -8.54 39.07
CA TRP F 127 25.19 -9.36 38.05
C TRP F 127 25.36 -8.75 36.67
N LEU F 128 25.78 -9.58 35.71
CA LEU F 128 25.99 -9.13 34.33
C LEU F 128 25.24 -10.05 33.33
N ASN F 129 24.63 -9.42 32.31
CA ASN F 129 23.93 -10.17 31.28
C ASN F 129 24.95 -10.69 30.29
N VAL F 130 25.02 -12.02 30.14
CA VAL F 130 25.97 -12.62 29.21
C VAL F 130 25.33 -13.05 27.89
N HIS F 131 24.05 -13.35 27.93
CA HIS F 131 23.34 -13.77 26.71
C HIS F 131 21.89 -13.28 26.72
N TYR F 132 21.37 -13.04 25.52
CA TYR F 132 20.05 -12.48 25.31
C TYR F 132 19.42 -13.07 24.04
N HIS F 133 18.23 -13.62 24.19
CA HIS F 133 17.50 -14.18 23.07
C HIS F 133 16.13 -13.52 23.10
N CYS F 134 15.79 -12.92 21.98
CA CYS F 134 14.55 -12.21 21.79
C CYS F 134 13.82 -12.74 20.56
N SER F 135 12.55 -13.09 20.71
CA SER F 135 11.74 -13.45 19.54
C SER F 135 10.49 -12.58 19.51
N GLY F 136 10.05 -12.23 18.31
CA GLY F 136 8.83 -11.43 18.14
C GLY F 136 8.63 -10.90 16.74
#